data_8W88
#
_entry.id   8W88
#
_cell.length_a   1.00
_cell.length_b   1.00
_cell.length_c   1.00
_cell.angle_alpha   90.00
_cell.angle_beta   90.00
_cell.angle_gamma   90.00
#
_symmetry.space_group_name_H-M   'P 1'
#
loop_
_entity.id
_entity.type
_entity.pdbx_description
1 polymer 'Guanine nucleotide-binding protein G(s) subunit alpha isoforms short'
2 polymer 'Guanine nucleotide-binding protein G(I)/G(S)/G(T) subunit beta-1'
3 polymer 'Guanine nucleotide-binding protein G(I)/G(S)/G(O) subunit gamma-2'
4 polymer Nanobody35
5 polymer 'Trace amine-associated receptor 1'
6 non-polymer CHOLESTEROL
7 non-polymer 1-[(7~{S})-5,7-dihydro-4~{H}-thieno[2,3-c]pyran-7-yl]-~{N}-methyl-methanamine
#
loop_
_entity_poly.entity_id
_entity_poly.type
_entity_poly.pdbx_seq_one_letter_code
_entity_poly.pdbx_strand_id
1 'polypeptide(L)'
;MGCLGNSKTEDQRNEEKAQREANKKIEKQLQKDKQVYRATHRLLLLGAGESGKSTIVKQMRILHVNGFNGEGGEEDPQAA
RSNSDGEKATKVQDIKNNLKEAIETIVAAMSNLVPPVELANPENQFRVDYILSVMNVPDFDFPPEFYEHAKALWEDEGVR
ACYERSNEYQLIDCAQYFLDKIDVIKQADYVPSDQDLLRCRVLTSGIFETKFQVDKVNFHMFDVGAQRDERRKWIQCFND
VTAIIFVVASSSYNMVIREDNQTNRLQEALNLFKSIWNNRWLRTISVILFLNKQDLLAEKVLAGKSKIEDYFPEFARYTT
PEDATPEPGEDPRVTRAKYFIRDEFLRISTASGDGRHYCYPHFTCSVDTENIRRVFNDCRDIIQRMHLRQYELL
;
A
2 'polypeptide(L)'
;MGSLLQSELDQLRQEAEQLKNQIRDARKACADATLSQITNNIDPVGRIQMRTRRTLRGHLAKIYAMHWGTDSRLLVSASQ
DGKLIIWDSYTTNKVHAIPLRSSWVMTCAYAPSGNYVACGGLDNICSIYNLKTREGNVRVSRELAGHTGYLSCCRFLDDN
QIVTSSGDTTCALWDIETGQQTTTFTGHTGDVMSLSLAPDTRLFVSGACDASAKLWDVREGMCRQTFTGHESDINAICFF
PNGNAFATGSDDATCRLFDLRADQELMTYSHDNIICGITSVSFSKSGRLLLAGYDDFNCNVWDALKADRAGVLAGHDNRV
SCLGVTDDGMAVATGSWDSFLKIWN
;
B
3 'polypeptide(L)' MASNNTASIAQARKLVEQLKMEANIDRIKVSKAAADLMAYCEAHAKEDPLLTPVPASENPFREKKFFCAIL G
4 'polypeptide(L)'
;MQVQLQESGGGLVQPGGSLRLSCAASGFTFSNYKMNWVRQAPGKGLEWVSDISQSGASISYTGSVKGRFTISRDNAKNTL
YLQMNSLKPEDTAVYYCARCPAPFTRDCFDVTSTTYAYRGQGTQVTVSSHHHHHHEPEA
;
N
5 'polypeptide(L)'
;MMPFCHNIINISCVKNNWSNDVRASLYSLMVLIILTTLVGNLIVIVSISHFKQLHTPTNWLIHSMATVDFLLGCLVMPYS
MVRSAEHCWYFGEVFCKIHTSTDIMLSSASIFHLSFISIDRYYAVCDPLRYKAKMNILVICVMIFISWSVPAVFAFGMIF
LELNFKGAEEIYYKHVHCRGGCSVFFSKISGVLTFMTSFYIPGSIMLCVYYRIYLIAKEQARLISDANQKLQIGLEMKNG
ISQSKERKAVKTLGIVMGVFLICWCPFFICTVMDPFLHYIIPPTLNDVLIWFGYLNSTFNPMVYAFFYPWFRKALKMMLF
GKIFQKDSSRCKLFLELSS
;
R
#
loop_
_chem_comp.id
_chem_comp.type
_chem_comp.name
_chem_comp.formula
CLR non-polymer CHOLESTEROL 'C27 H46 O'
UJL non-polymer 1-[(7~{S})-5,7-dihydro-4~{H}-thieno[2,3-c]pyran-7-yl]-~{N}-methyl-methanamine 'C9 H13 N O S'
#
# COMPACT_ATOMS: atom_id res chain seq x y z
N THR A 9 -1.46 -34.85 29.23
CA THR A 9 -2.71 -34.53 29.99
C THR A 9 -3.90 -34.54 29.06
N GLU A 10 -4.97 -35.23 29.47
CA GLU A 10 -6.17 -35.28 28.64
C GLU A 10 -6.81 -33.89 28.52
N ASP A 11 -6.78 -33.10 29.59
CA ASP A 11 -7.38 -31.78 29.55
C ASP A 11 -6.68 -30.89 28.53
N GLN A 12 -5.35 -30.97 28.46
CA GLN A 12 -4.61 -30.18 27.49
C GLN A 12 -4.97 -30.59 26.07
N ARG A 13 -5.10 -31.89 25.83
CA ARG A 13 -5.52 -32.36 24.51
C ARG A 13 -6.91 -31.88 24.16
N ASN A 14 -7.83 -31.90 25.13
CA ASN A 14 -9.18 -31.41 24.88
C ASN A 14 -9.17 -29.93 24.54
N GLU A 15 -8.39 -29.14 25.28
CA GLU A 15 -8.32 -27.71 25.00
C GLU A 15 -7.71 -27.44 23.63
N GLU A 16 -6.65 -28.17 23.28
CA GLU A 16 -6.06 -28.01 21.96
C GLU A 16 -7.05 -28.37 20.86
N LYS A 17 -7.80 -29.45 21.04
CA LYS A 17 -8.80 -29.84 20.04
C LYS A 17 -9.87 -28.77 19.92
N ALA A 18 -10.35 -28.24 21.04
CA ALA A 18 -11.38 -27.20 20.99
C ALA A 18 -10.87 -25.95 20.29
N GLN A 19 -9.62 -25.57 20.58
CA GLN A 19 -9.02 -24.44 19.89
C GLN A 19 -8.96 -24.68 18.40
N ARG A 20 -8.63 -25.90 17.98
CA ARG A 20 -8.57 -26.20 16.56
C ARG A 20 -9.94 -26.14 15.91
N GLU A 21 -10.97 -26.64 16.59
CA GLU A 21 -12.32 -26.54 16.03
C GLU A 21 -12.74 -25.08 15.88
N ALA A 22 -12.46 -24.27 16.89
CA ALA A 22 -12.79 -22.85 16.82
C ALA A 22 -12.04 -22.17 15.67
N ASN A 23 -10.76 -22.51 15.51
CA ASN A 23 -9.97 -21.91 14.45
C ASN A 23 -10.52 -22.28 13.08
N LYS A 24 -10.90 -23.55 12.89
CA LYS A 24 -11.41 -23.93 11.58
C LYS A 24 -12.79 -23.33 11.31
N LYS A 25 -13.60 -23.14 12.35
CA LYS A 25 -14.84 -22.40 12.16
C LYS A 25 -14.57 -20.95 11.75
N ILE A 26 -13.61 -20.31 12.42
CA ILE A 26 -13.26 -18.93 12.07
C ILE A 26 -12.79 -18.85 10.63
N GLU A 27 -11.94 -19.79 10.20
CA GLU A 27 -11.43 -19.75 8.84
C GLU A 27 -12.50 -20.10 7.82
N LYS A 28 -13.47 -20.93 8.19
CA LYS A 28 -14.59 -21.20 7.29
C LYS A 28 -15.41 -19.93 7.07
N GLN A 29 -15.57 -19.11 8.12
CA GLN A 29 -16.22 -17.82 7.93
C GLN A 29 -15.35 -16.87 7.12
N LEU A 30 -14.04 -16.89 7.35
CA LEU A 30 -13.15 -15.94 6.68
C LEU A 30 -13.08 -16.21 5.19
N GLN A 31 -13.15 -17.48 4.78
CA GLN A 31 -13.16 -17.76 3.35
C GLN A 31 -14.41 -17.20 2.69
N LYS A 32 -15.55 -17.33 3.35
CA LYS A 32 -16.79 -16.77 2.83
C LYS A 32 -16.72 -15.26 2.76
N ASP A 33 -16.06 -14.63 3.74
CA ASP A 33 -15.85 -13.18 3.71
C ASP A 33 -14.91 -12.77 2.59
N LYS A 34 -13.87 -13.55 2.36
CA LYS A 34 -12.90 -13.23 1.31
C LYS A 34 -13.55 -13.31 -0.06
N GLN A 35 -14.41 -14.31 -0.28
CA GLN A 35 -15.03 -14.44 -1.59
C GLN A 35 -15.80 -13.18 -1.96
N VAL A 36 -16.38 -12.48 -0.99
CA VAL A 36 -17.16 -11.28 -1.27
C VAL A 36 -16.27 -10.03 -1.23
N TYR A 37 -15.20 -10.05 -0.44
CA TYR A 37 -14.29 -8.91 -0.40
C TYR A 37 -13.55 -8.74 -1.73
N ARG A 38 -13.28 -9.84 -2.43
CA ARG A 38 -12.57 -9.77 -3.69
C ARG A 38 -13.48 -9.42 -4.86
N ALA A 39 -14.80 -9.56 -4.69
CA ALA A 39 -15.73 -9.24 -5.77
C ALA A 39 -16.20 -7.80 -5.73
N THR A 40 -15.80 -7.04 -4.71
CA THR A 40 -16.25 -5.66 -4.55
C THR A 40 -15.12 -4.70 -4.89
N HIS A 41 -15.49 -3.56 -5.48
CA HIS A 41 -14.54 -2.53 -5.86
C HIS A 41 -14.80 -1.31 -5.01
N ARG A 42 -13.79 -0.89 -4.26
CA ARG A 42 -13.94 0.24 -3.35
C ARG A 42 -13.51 1.53 -4.03
N LEU A 43 -14.30 2.58 -3.85
CA LEU A 43 -14.06 3.86 -4.48
C LEU A 43 -13.97 4.92 -3.38
N LEU A 44 -13.10 5.91 -3.60
CA LEU A 44 -13.02 7.07 -2.72
C LEU A 44 -13.61 8.25 -3.46
N LEU A 45 -14.69 8.80 -2.94
CA LEU A 45 -15.29 10.01 -3.47
C LEU A 45 -14.66 11.21 -2.76
N LEU A 46 -14.00 12.05 -3.53
CA LEU A 46 -13.27 13.19 -3.01
C LEU A 46 -13.71 14.43 -3.76
N GLY A 47 -13.62 15.58 -3.11
CA GLY A 47 -14.02 16.81 -3.76
C GLY A 47 -13.96 17.97 -2.79
N ALA A 48 -14.70 19.02 -3.12
CA ALA A 48 -14.84 20.20 -2.27
C ALA A 48 -16.29 20.35 -1.82
N GLY A 49 -16.50 21.19 -0.82
CA GLY A 49 -17.85 21.43 -0.33
C GLY A 49 -18.73 22.07 -1.37
N GLU A 50 -18.21 23.03 -2.13
CA GLU A 50 -18.99 23.73 -3.13
C GLU A 50 -19.16 22.92 -4.41
N SER A 51 -18.32 21.93 -4.66
CA SER A 51 -18.52 21.03 -5.79
C SER A 51 -19.74 20.16 -5.53
N GLY A 52 -20.40 19.77 -6.62
CA GLY A 52 -21.66 19.06 -6.50
C GLY A 52 -21.52 17.58 -6.22
N LYS A 53 -20.53 17.19 -5.42
CA LYS A 53 -20.33 15.78 -5.15
C LYS A 53 -21.48 15.20 -4.34
N SER A 54 -22.05 15.99 -3.42
CA SER A 54 -23.16 15.50 -2.61
C SER A 54 -24.36 15.19 -3.49
N THR A 55 -24.62 16.04 -4.50
CA THR A 55 -25.70 15.77 -5.44
C THR A 55 -25.43 14.50 -6.23
N ILE A 56 -24.18 14.28 -6.64
CA ILE A 56 -23.83 13.05 -7.34
C ILE A 56 -24.12 11.84 -6.46
N VAL A 57 -23.73 11.92 -5.18
CA VAL A 57 -24.03 10.81 -4.26
C VAL A 57 -25.53 10.60 -4.16
N LYS A 58 -26.29 11.69 -4.05
CA LYS A 58 -27.75 11.57 -3.98
C LYS A 58 -28.29 10.82 -5.18
N GLN A 59 -27.79 11.14 -6.38
CA GLN A 59 -28.22 10.42 -7.58
C GLN A 59 -27.83 8.95 -7.49
N MET A 60 -26.60 8.66 -7.09
CA MET A 60 -26.15 7.27 -7.03
C MET A 60 -26.94 6.44 -6.01
N ARG A 61 -27.56 7.08 -5.02
CA ARG A 61 -28.29 6.33 -4.00
C ARG A 61 -29.71 5.97 -4.43
N ILE A 62 -30.14 6.39 -5.62
CA ILE A 62 -31.47 6.06 -6.11
C ILE A 62 -31.36 5.11 -7.29
N THR A 204 -22.39 14.03 12.03
CA THR A 204 -21.45 13.57 13.04
C THR A 204 -20.72 12.31 12.58
N SER A 205 -21.23 11.68 11.52
CA SER A 205 -20.55 10.51 10.96
C SER A 205 -19.20 10.93 10.38
N GLY A 206 -18.17 10.13 10.66
CA GLY A 206 -16.84 10.44 10.16
C GLY A 206 -16.62 10.04 8.71
N ILE A 207 -17.43 9.11 8.20
CA ILE A 207 -17.30 8.67 6.81
C ILE A 207 -18.63 8.06 6.40
N PHE A 208 -19.06 8.38 5.18
CA PHE A 208 -20.30 7.88 4.64
C PHE A 208 -20.02 6.83 3.58
N GLU A 209 -20.83 5.79 3.56
CA GLU A 209 -20.65 4.66 2.65
C GLU A 209 -21.87 4.55 1.75
N THR A 210 -21.63 4.41 0.46
CA THR A 210 -22.68 4.22 -0.54
C THR A 210 -22.42 2.90 -1.26
N LYS A 211 -23.45 2.07 -1.34
CA LYS A 211 -23.37 0.78 -2.02
C LYS A 211 -24.22 0.85 -3.28
N PHE A 212 -23.62 0.51 -4.41
CA PHE A 212 -24.35 0.43 -5.66
C PHE A 212 -23.69 -0.63 -6.52
N GLN A 213 -24.43 -1.13 -7.50
CA GLN A 213 -23.93 -2.15 -8.41
C GLN A 213 -24.37 -1.83 -9.82
N VAL A 214 -23.42 -1.91 -10.75
CA VAL A 214 -23.65 -1.74 -12.17
C VAL A 214 -23.45 -3.10 -12.82
N ASP A 215 -24.45 -3.57 -13.54
CA ASP A 215 -24.51 -4.97 -13.96
C ASP A 215 -24.49 -5.80 -12.67
N LYS A 216 -23.64 -6.81 -12.55
CA LYS A 216 -23.54 -7.58 -11.32
C LYS A 216 -22.28 -7.27 -10.53
N VAL A 217 -21.59 -6.18 -10.85
CA VAL A 217 -20.36 -5.81 -10.14
C VAL A 217 -20.75 -4.89 -8.99
N ASN A 218 -20.20 -5.16 -7.81
CA ASN A 218 -20.55 -4.39 -6.62
C ASN A 218 -19.50 -3.31 -6.39
N PHE A 219 -19.96 -2.07 -6.24
CA PHE A 219 -19.09 -0.92 -5.99
C PHE A 219 -19.41 -0.34 -4.63
N HIS A 220 -18.37 -0.05 -3.86
CA HIS A 220 -18.51 0.48 -2.50
C HIS A 220 -17.80 1.82 -2.45
N MET A 221 -18.56 2.91 -2.57
CA MET A 221 -18.01 4.25 -2.64
C MET A 221 -18.04 4.87 -1.24
N PHE A 222 -16.94 5.48 -0.84
CA PHE A 222 -16.79 6.06 0.48
C PHE A 222 -16.60 7.57 0.36
N ASP A 223 -17.46 8.31 1.04
CA ASP A 223 -17.39 9.77 1.08
C ASP A 223 -16.90 10.19 2.45
N VAL A 224 -15.99 11.14 2.49
CA VAL A 224 -15.42 11.58 3.76
C VAL A 224 -16.38 12.54 4.45
N GLY A 225 -16.74 12.23 5.68
CA GLY A 225 -17.71 13.01 6.41
C GLY A 225 -17.07 14.07 7.31
N ALA A 226 -17.17 13.87 8.61
CA ALA A 226 -16.68 14.85 9.58
C ALA A 226 -15.19 14.66 9.79
N GLN A 227 -14.42 15.00 8.77
CA GLN A 227 -12.97 15.01 8.82
C GLN A 227 -12.47 16.43 8.59
N ARG A 228 -11.47 16.83 9.37
CA ARG A 228 -10.89 18.15 9.19
C ARG A 228 -10.31 18.29 7.79
N ASP A 229 -9.96 19.53 7.44
CA ASP A 229 -9.46 19.82 6.11
C ASP A 229 -8.01 19.39 5.91
N GLU A 230 -7.36 18.87 6.94
CA GLU A 230 -5.99 18.35 6.82
C GLU A 230 -6.07 16.87 6.45
N ARG A 231 -5.72 16.55 5.20
CA ARG A 231 -5.97 15.22 4.64
C ARG A 231 -4.72 14.36 4.52
N ARG A 232 -3.56 14.85 4.96
CA ARG A 232 -2.32 14.15 4.61
C ARG A 232 -2.17 12.83 5.35
N LYS A 233 -2.99 12.59 6.37
CA LYS A 233 -2.88 11.35 7.14
C LYS A 233 -4.01 10.38 6.84
N TRP A 234 -5.26 10.84 6.88
CA TRP A 234 -6.35 9.90 6.68
C TRP A 234 -6.55 9.55 5.22
N ILE A 235 -5.79 10.17 4.31
CA ILE A 235 -5.91 9.82 2.90
C ILE A 235 -5.01 8.65 2.53
N GLN A 236 -4.05 8.29 3.38
CA GLN A 236 -3.25 7.10 3.15
C GLN A 236 -4.06 5.83 3.30
N CYS A 237 -5.21 5.90 3.96
CA CYS A 237 -6.05 4.72 4.13
C CYS A 237 -6.57 4.19 2.80
N PHE A 238 -6.63 5.05 1.78
CA PHE A 238 -7.25 4.71 0.51
C PHE A 238 -6.22 4.43 -0.58
N ASN A 239 -5.11 3.79 -0.23
CA ASN A 239 -4.07 3.50 -1.21
C ASN A 239 -4.37 2.24 -2.00
N ASP A 240 -5.47 1.55 -1.73
CA ASP A 240 -5.80 0.32 -2.44
C ASP A 240 -7.20 0.34 -3.06
N VAL A 241 -7.85 1.50 -3.09
CA VAL A 241 -9.09 1.61 -3.84
C VAL A 241 -8.81 1.47 -5.33
N THR A 242 -9.82 1.04 -6.08
CA THR A 242 -9.63 0.94 -7.52
C THR A 242 -9.41 2.30 -8.15
N ALA A 243 -10.19 3.31 -7.72
CA ALA A 243 -10.07 4.64 -8.27
C ALA A 243 -10.47 5.66 -7.22
N ILE A 244 -10.00 6.88 -7.41
CA ILE A 244 -10.46 8.03 -6.63
C ILE A 244 -11.29 8.89 -7.56
N ILE A 245 -12.52 9.20 -7.14
CA ILE A 245 -13.39 10.07 -7.91
C ILE A 245 -13.18 11.49 -7.38
N PHE A 246 -12.52 12.32 -8.18
CA PHE A 246 -12.23 13.70 -7.81
C PHE A 246 -13.23 14.61 -8.52
N VAL A 247 -14.08 15.27 -7.75
CA VAL A 247 -15.12 16.14 -8.29
C VAL A 247 -14.65 17.57 -8.18
N VAL A 248 -14.74 18.31 -9.28
CA VAL A 248 -14.31 19.69 -9.37
C VAL A 248 -15.46 20.52 -9.91
N ALA A 249 -15.60 21.74 -9.40
CA ALA A 249 -16.58 22.68 -9.91
C ALA A 249 -15.87 23.73 -10.75
N SER A 250 -16.28 23.88 -12.01
CA SER A 250 -15.70 24.88 -12.89
C SER A 250 -16.22 26.27 -12.49
N SER A 251 -15.63 26.82 -11.43
CA SER A 251 -16.14 28.04 -10.82
C SER A 251 -15.97 29.23 -11.74
N SER A 252 -16.84 30.22 -11.56
CA SER A 252 -16.77 31.47 -12.32
C SER A 252 -17.69 32.53 -11.73
N ASN A 261 -17.06 32.44 2.00
CA ASN A 261 -16.38 33.38 1.12
C ASN A 261 -16.24 32.79 -0.27
N GLN A 262 -15.86 33.64 -1.23
CA GLN A 262 -15.64 33.22 -2.61
C GLN A 262 -14.23 33.58 -3.04
N THR A 263 -13.52 32.59 -3.57
CA THR A 263 -12.18 32.79 -4.11
C THR A 263 -12.03 31.92 -5.35
N ASN A 264 -10.82 31.88 -5.90
CA ASN A 264 -10.57 31.04 -7.05
C ASN A 264 -10.47 29.58 -6.61
N ARG A 265 -11.61 28.88 -6.61
CA ARG A 265 -11.64 27.50 -6.17
C ARG A 265 -10.89 26.58 -7.14
N LEU A 266 -10.79 26.98 -8.41
CA LEU A 266 -10.21 26.08 -9.40
C LEU A 266 -8.72 25.88 -9.17
N GLN A 267 -8.01 26.93 -8.75
CA GLN A 267 -6.59 26.79 -8.48
C GLN A 267 -6.34 25.88 -7.28
N GLU A 268 -7.16 26.00 -6.23
CA GLU A 268 -7.00 25.11 -5.09
C GLU A 268 -7.39 23.67 -5.45
N ALA A 269 -8.36 23.50 -6.33
CA ALA A 269 -8.67 22.16 -6.83
C ALA A 269 -7.49 21.58 -7.59
N LEU A 270 -6.83 22.40 -8.40
CA LEU A 270 -5.64 21.97 -9.13
C LEU A 270 -4.52 21.57 -8.17
N ASN A 271 -4.31 22.36 -7.12
CA ASN A 271 -3.28 22.03 -6.14
C ASN A 271 -3.60 20.75 -5.39
N LEU A 272 -4.86 20.56 -5.00
CA LEU A 272 -5.26 19.33 -4.34
C LEU A 272 -5.08 18.13 -5.25
N PHE A 273 -5.43 18.28 -6.53
CA PHE A 273 -5.21 17.19 -7.48
C PHE A 273 -3.73 16.89 -7.63
N LYS A 274 -2.89 17.92 -7.65
CA LYS A 274 -1.45 17.72 -7.71
C LYS A 274 -0.97 16.91 -6.51
N SER A 275 -1.39 17.29 -5.31
CA SER A 275 -0.98 16.58 -4.11
C SER A 275 -1.44 15.12 -4.15
N ILE A 276 -2.68 14.89 -4.57
CA ILE A 276 -3.19 13.52 -4.65
C ILE A 276 -2.37 12.73 -5.66
N TRP A 277 -2.13 13.31 -6.84
CA TRP A 277 -1.45 12.59 -7.90
C TRP A 277 -0.02 12.23 -7.50
N ASN A 278 0.68 13.14 -6.86
CA ASN A 278 2.10 12.95 -6.58
C ASN A 278 2.37 12.40 -5.18
N ASN A 279 1.34 11.98 -4.45
CA ASN A 279 1.57 11.42 -3.12
C ASN A 279 2.21 10.04 -3.23
N ARG A 280 3.07 9.73 -2.27
CA ARG A 280 3.84 8.50 -2.28
C ARG A 280 2.95 7.25 -2.29
N TRP A 281 1.90 7.27 -1.48
CA TRP A 281 1.03 6.12 -1.32
C TRP A 281 -0.09 6.07 -2.34
N LEU A 282 -0.32 7.14 -3.09
CA LEU A 282 -1.34 7.18 -4.12
C LEU A 282 -0.77 7.17 -5.52
N ARG A 283 0.46 6.68 -5.71
CA ARG A 283 1.08 6.66 -7.03
C ARG A 283 0.60 5.50 -7.89
N THR A 284 -0.20 4.59 -7.36
CA THR A 284 -0.75 3.49 -8.11
C THR A 284 -2.25 3.64 -8.33
N ILE A 285 -2.86 4.69 -7.80
CA ILE A 285 -4.30 4.88 -7.81
C ILE A 285 -4.67 5.78 -8.97
N SER A 286 -5.63 5.34 -9.77
CA SER A 286 -6.13 6.17 -10.86
C SER A 286 -7.19 7.12 -10.33
N VAL A 287 -7.32 8.25 -11.00
CA VAL A 287 -8.27 9.30 -10.61
C VAL A 287 -9.29 9.44 -11.73
N ILE A 288 -10.56 9.29 -11.37
CA ILE A 288 -11.66 9.61 -12.26
C ILE A 288 -12.06 11.05 -11.96
N LEU A 289 -11.76 11.95 -12.89
CA LEU A 289 -11.90 13.38 -12.68
C LEU A 289 -13.22 13.84 -13.24
N PHE A 290 -14.11 14.33 -12.37
CA PHE A 290 -15.42 14.83 -12.78
C PHE A 290 -15.35 16.35 -12.81
N LEU A 291 -15.16 16.91 -14.00
CA LEU A 291 -15.21 18.35 -14.18
C LEU A 291 -16.68 18.75 -14.17
N ASN A 292 -17.16 19.09 -12.99
CA ASN A 292 -18.58 19.19 -12.70
C ASN A 292 -19.12 20.58 -13.02
N LYS A 293 -20.44 20.72 -12.94
CA LYS A 293 -21.10 22.01 -13.08
C LYS A 293 -20.77 22.68 -14.41
N GLN A 294 -20.93 21.91 -15.50
CA GLN A 294 -20.59 22.43 -16.82
C GLN A 294 -21.64 23.41 -17.35
N ASP A 295 -22.90 23.23 -16.97
CA ASP A 295 -23.93 24.16 -17.42
C ASP A 295 -23.70 25.55 -16.83
N LEU A 296 -23.32 25.62 -15.55
CA LEU A 296 -22.99 26.91 -14.95
C LEU A 296 -21.79 27.55 -15.64
N LEU A 297 -20.77 26.75 -15.96
CA LEU A 297 -19.62 27.27 -16.66
C LEU A 297 -20.02 27.84 -18.02
N ALA A 298 -20.87 27.11 -18.74
CA ALA A 298 -21.31 27.57 -20.05
C ALA A 298 -22.08 28.89 -19.93
N GLU A 299 -23.04 28.95 -19.02
CA GLU A 299 -23.86 30.15 -18.91
C GLU A 299 -23.04 31.34 -18.44
N LYS A 300 -22.03 31.11 -17.60
CA LYS A 300 -21.22 32.22 -17.11
C LYS A 300 -20.21 32.68 -18.15
N VAL A 301 -19.70 31.74 -18.97
CA VAL A 301 -18.81 32.13 -20.05
C VAL A 301 -19.56 32.91 -21.12
N LEU A 302 -20.81 32.51 -21.42
CA LEU A 302 -21.58 33.23 -22.42
C LEU A 302 -21.88 34.66 -21.98
N ALA A 303 -22.09 34.88 -20.68
CA ALA A 303 -22.38 36.22 -20.18
C ALA A 303 -21.17 37.13 -20.22
N GLY A 304 -19.98 36.61 -20.50
CA GLY A 304 -18.79 37.44 -20.58
C GLY A 304 -18.13 37.72 -19.25
N LYS A 305 -18.64 37.17 -18.16
CA LYS A 305 -18.06 37.33 -16.83
C LYS A 305 -17.63 35.94 -16.37
N SER A 306 -16.33 35.64 -16.49
CA SER A 306 -15.81 34.32 -16.16
C SER A 306 -14.50 34.45 -15.40
N LYS A 307 -14.12 33.35 -14.76
CA LYS A 307 -12.92 33.35 -13.91
C LYS A 307 -11.64 33.23 -14.73
N ILE A 308 -11.72 32.59 -15.89
CA ILE A 308 -10.51 32.07 -16.54
C ILE A 308 -9.61 33.20 -17.02
N GLU A 309 -10.19 34.19 -17.68
CA GLU A 309 -9.39 35.10 -18.49
C GLU A 309 -8.28 35.77 -17.69
N ASP A 310 -8.59 36.28 -16.49
CA ASP A 310 -7.61 37.00 -15.69
C ASP A 310 -7.07 36.23 -14.49
N TYR A 311 -7.58 35.03 -14.22
CA TYR A 311 -6.97 34.15 -13.24
C TYR A 311 -6.02 33.13 -13.87
N PHE A 312 -6.21 32.82 -15.15
CA PHE A 312 -5.34 31.91 -15.90
C PHE A 312 -4.90 32.64 -17.16
N PRO A 313 -3.89 33.52 -17.05
CA PRO A 313 -3.51 34.32 -18.21
C PRO A 313 -3.06 33.50 -19.40
N GLU A 314 -2.58 32.27 -19.19
CA GLU A 314 -2.22 31.42 -20.31
C GLU A 314 -3.43 31.05 -21.15
N PHE A 315 -4.64 31.28 -20.64
CA PHE A 315 -5.84 31.02 -21.41
C PHE A 315 -5.95 31.91 -22.63
N ALA A 316 -5.47 33.16 -22.52
CA ALA A 316 -5.63 34.11 -23.61
C ALA A 316 -4.94 33.64 -24.89
N ARG A 317 -4.00 32.71 -24.80
CA ARG A 317 -3.32 32.17 -25.97
C ARG A 317 -3.59 30.68 -26.15
N TYR A 318 -4.65 30.16 -25.54
CA TYR A 318 -5.01 28.76 -25.66
C TYR A 318 -6.03 28.61 -26.79
N THR A 319 -5.84 27.60 -27.63
CA THR A 319 -6.76 27.28 -28.71
C THR A 319 -7.28 25.86 -28.52
N THR A 320 -8.57 25.68 -28.83
CA THR A 320 -9.22 24.41 -28.60
C THR A 320 -8.49 23.30 -29.34
N PRO A 321 -8.25 22.14 -28.72
CA PRO A 321 -7.53 21.07 -29.42
C PRO A 321 -8.35 20.52 -30.58
N GLU A 322 -7.64 19.92 -31.54
CA GLU A 322 -8.32 19.26 -32.65
C GLU A 322 -9.11 18.06 -32.16
N ASP A 323 -8.65 17.41 -31.09
CA ASP A 323 -9.35 16.26 -30.54
C ASP A 323 -10.65 16.64 -29.85
N ALA A 324 -10.92 17.93 -29.66
CA ALA A 324 -12.15 18.34 -29.00
C ALA A 324 -13.36 17.86 -29.78
N THR A 325 -14.42 17.52 -29.05
CA THR A 325 -15.66 17.02 -29.62
C THR A 325 -16.83 17.82 -29.05
N PRO A 326 -16.98 19.07 -29.47
CA PRO A 326 -18.06 19.90 -28.92
C PRO A 326 -19.44 19.33 -29.25
N GLU A 327 -20.39 19.60 -28.36
CA GLU A 327 -21.77 19.23 -28.60
C GLU A 327 -22.34 20.05 -29.76
N PRO A 328 -23.43 19.59 -30.37
CA PRO A 328 -23.98 20.33 -31.53
C PRO A 328 -24.28 21.79 -31.24
N GLY A 329 -24.79 22.10 -30.04
CA GLY A 329 -25.10 23.46 -29.67
C GLY A 329 -24.02 24.10 -28.82
N GLU A 330 -22.82 23.53 -28.83
CA GLU A 330 -21.74 24.00 -27.99
C GLU A 330 -21.14 25.28 -28.57
N ASP A 331 -21.18 26.36 -27.81
CA ASP A 331 -20.57 27.60 -28.25
C ASP A 331 -19.06 27.42 -28.31
N PRO A 332 -18.38 27.92 -29.35
CA PRO A 332 -16.92 27.70 -29.42
C PRO A 332 -16.17 28.19 -28.20
N ARG A 333 -16.57 29.32 -27.64
CA ARG A 333 -15.86 29.85 -26.47
C ARG A 333 -16.07 28.96 -25.25
N VAL A 334 -17.27 28.39 -25.10
CA VAL A 334 -17.53 27.52 -23.97
C VAL A 334 -16.67 26.26 -24.05
N THR A 335 -16.60 25.65 -25.23
CA THR A 335 -15.76 24.47 -25.40
C THR A 335 -14.29 24.82 -25.20
N ARG A 336 -13.86 25.99 -25.67
CA ARG A 336 -12.47 26.39 -25.46
C ARG A 336 -12.18 26.49 -23.97
N ALA A 337 -13.07 27.13 -23.22
CA ALA A 337 -12.87 27.28 -21.77
C ALA A 337 -12.83 25.93 -21.07
N LYS A 338 -13.79 25.06 -21.38
CA LYS A 338 -13.86 23.78 -20.66
C LYS A 338 -12.69 22.88 -21.01
N TYR A 339 -12.23 22.90 -22.26
CA TYR A 339 -11.07 22.10 -22.62
C TYR A 339 -9.80 22.69 -22.05
N PHE A 340 -9.73 24.01 -21.88
CA PHE A 340 -8.60 24.60 -21.17
C PHE A 340 -8.56 24.11 -19.73
N ILE A 341 -9.72 24.10 -19.07
CA ILE A 341 -9.77 23.62 -17.69
C ILE A 341 -9.36 22.16 -17.62
N ARG A 342 -9.81 21.35 -18.58
CA ARG A 342 -9.41 19.95 -18.60
C ARG A 342 -7.90 19.80 -18.81
N ASP A 343 -7.32 20.58 -19.72
CA ASP A 343 -5.90 20.48 -19.98
C ASP A 343 -5.09 20.93 -18.78
N GLU A 344 -5.63 21.84 -17.97
CA GLU A 344 -4.94 22.23 -16.75
C GLU A 344 -4.69 21.03 -15.85
N PHE A 345 -5.68 20.15 -15.71
CA PHE A 345 -5.52 18.94 -14.91
C PHE A 345 -4.68 17.89 -15.64
N LEU A 346 -4.82 17.83 -16.97
CA LEU A 346 -4.08 16.81 -17.73
C LEU A 346 -2.58 17.10 -17.75
N ARG A 347 -2.18 18.36 -17.66
CA ARG A 347 -0.75 18.67 -17.54
C ARG A 347 -0.17 18.01 -16.30
N ILE A 348 -0.83 18.20 -15.15
CA ILE A 348 -0.39 17.55 -13.92
C ILE A 348 -0.43 16.04 -14.06
N SER A 349 -1.50 15.51 -14.66
CA SER A 349 -1.64 14.06 -14.78
C SER A 349 -0.50 13.47 -15.60
N THR A 350 -0.13 14.12 -16.70
CA THR A 350 0.87 13.55 -17.59
C THR A 350 2.29 13.78 -17.07
N ALA A 351 2.54 14.87 -16.36
CA ALA A 351 3.91 15.16 -15.93
C ALA A 351 4.49 14.07 -15.05
N SER A 352 3.66 13.25 -14.41
CA SER A 352 4.15 12.19 -13.54
C SER A 352 3.46 10.85 -13.77
N GLY A 353 2.80 10.66 -14.90
CA GLY A 353 2.12 9.41 -15.20
C GLY A 353 3.07 8.35 -15.69
N ASP A 354 3.78 7.70 -14.76
CA ASP A 354 4.80 6.72 -15.13
C ASP A 354 4.19 5.38 -15.50
N GLY A 355 2.89 5.37 -15.84
CA GLY A 355 2.22 4.17 -16.28
C GLY A 355 1.54 3.38 -15.19
N ARG A 356 1.76 3.72 -13.92
CA ARG A 356 1.11 2.99 -12.83
C ARG A 356 -0.32 3.45 -12.60
N HIS A 357 -0.66 4.67 -13.01
CA HIS A 357 -2.00 5.19 -12.80
C HIS A 357 -2.31 6.20 -13.88
N TYR A 358 -3.60 6.44 -14.09
CA TYR A 358 -4.10 7.28 -15.16
C TYR A 358 -5.21 8.17 -14.64
N CYS A 359 -5.46 9.26 -15.35
CA CYS A 359 -6.55 10.17 -15.05
C CYS A 359 -7.59 10.09 -16.16
N TYR A 360 -8.86 10.07 -15.77
CA TYR A 360 -9.98 9.93 -16.70
C TYR A 360 -10.88 11.15 -16.56
N PRO A 361 -10.64 12.20 -17.36
CA PRO A 361 -11.46 13.42 -17.23
C PRO A 361 -12.85 13.24 -17.85
N HIS A 362 -13.84 13.85 -17.20
CA HIS A 362 -15.20 13.82 -17.70
C HIS A 362 -15.84 15.18 -17.47
N PHE A 363 -16.75 15.55 -18.37
CA PHE A 363 -17.57 16.74 -18.22
C PHE A 363 -18.94 16.31 -17.70
N THR A 364 -19.28 16.75 -16.50
CA THR A 364 -20.50 16.31 -15.84
C THR A 364 -21.30 17.52 -15.40
N CYS A 365 -22.58 17.29 -15.06
CA CYS A 365 -23.48 18.35 -14.63
C CYS A 365 -24.14 18.02 -13.30
N SER A 366 -23.66 16.98 -12.61
CA SER A 366 -24.07 16.65 -11.25
C SER A 366 -25.46 16.04 -11.18
N VAL A 367 -26.22 16.09 -12.27
CA VAL A 367 -27.47 15.34 -12.38
C VAL A 367 -27.40 14.62 -13.72
N ASP A 368 -26.81 13.43 -13.70
CA ASP A 368 -26.63 12.62 -14.90
C ASP A 368 -26.81 11.17 -14.52
N THR A 369 -27.54 10.43 -15.34
CA THR A 369 -27.60 8.99 -15.20
C THR A 369 -26.36 8.30 -15.75
N GLU A 370 -25.48 9.04 -16.43
CA GLU A 370 -24.30 8.48 -17.06
C GLU A 370 -23.10 8.44 -16.12
N ASN A 371 -23.15 9.15 -15.00
CA ASN A 371 -22.01 9.15 -14.08
C ASN A 371 -21.71 7.75 -13.58
N ILE A 372 -22.74 6.95 -13.32
CA ILE A 372 -22.53 5.56 -12.91
C ILE A 372 -21.82 4.79 -14.00
N ARG A 373 -22.26 4.94 -15.25
CA ARG A 373 -21.59 4.29 -16.37
C ARG A 373 -20.17 4.81 -16.54
N ARG A 374 -19.97 6.11 -16.35
CA ARG A 374 -18.62 6.66 -16.45
C ARG A 374 -17.69 5.99 -15.45
N VAL A 375 -18.13 5.87 -14.20
CA VAL A 375 -17.30 5.23 -13.18
C VAL A 375 -17.07 3.76 -13.53
N PHE A 376 -18.12 3.08 -14.00
CA PHE A 376 -18.00 1.66 -14.35
C PHE A 376 -16.97 1.45 -15.44
N ASN A 377 -17.08 2.21 -16.53
CA ASN A 377 -16.16 2.08 -17.65
C ASN A 377 -14.74 2.45 -17.25
N ASP A 378 -14.58 3.51 -16.46
CA ASP A 378 -13.24 3.90 -16.06
C ASP A 378 -12.61 2.87 -15.13
N CYS A 379 -13.40 2.26 -14.26
CA CYS A 379 -12.87 1.19 -13.42
C CYS A 379 -12.50 -0.04 -14.24
N ARG A 380 -13.32 -0.37 -15.23
CA ARG A 380 -12.98 -1.46 -16.14
C ARG A 380 -11.67 -1.19 -16.84
N ASP A 381 -11.49 0.03 -17.34
CA ASP A 381 -10.24 0.39 -18.01
C ASP A 381 -9.06 0.34 -17.04
N ILE A 382 -9.25 0.84 -15.82
CA ILE A 382 -8.19 0.85 -14.83
C ILE A 382 -7.72 -0.58 -14.55
N ILE A 383 -8.66 -1.49 -14.30
CA ILE A 383 -8.26 -2.84 -13.94
C ILE A 383 -7.73 -3.59 -15.16
N GLN A 384 -8.26 -3.32 -16.36
CA GLN A 384 -7.69 -3.95 -17.55
C GLN A 384 -6.25 -3.53 -17.75
N ARG A 385 -5.95 -2.24 -17.57
CA ARG A 385 -4.58 -1.79 -17.71
C ARG A 385 -3.69 -2.35 -16.61
N MET A 386 -4.21 -2.49 -15.39
CA MET A 386 -3.43 -3.09 -14.32
C MET A 386 -3.08 -4.53 -14.67
N HIS A 387 -4.05 -5.27 -15.21
CA HIS A 387 -3.79 -6.66 -15.59
C HIS A 387 -2.84 -6.75 -16.77
N LEU A 388 -2.98 -5.86 -17.75
CA LEU A 388 -2.06 -5.86 -18.88
C LEU A 388 -0.64 -5.58 -18.43
N ARG A 389 -0.47 -4.62 -17.53
CA ARG A 389 0.86 -4.35 -16.97
C ARG A 389 1.38 -5.56 -16.20
N GLN A 390 0.53 -6.20 -15.41
CA GLN A 390 0.95 -7.33 -14.60
C GLN A 390 1.50 -8.45 -15.46
N TYR A 391 0.95 -8.64 -16.66
CA TYR A 391 1.34 -9.72 -17.56
C TYR A 391 2.27 -9.24 -18.66
N GLU A 392 2.96 -8.13 -18.46
CA GLU A 392 3.87 -7.58 -19.46
C GLU A 392 3.15 -7.36 -20.78
N LEU A 393 1.88 -6.99 -20.69
CA LEU A 393 1.02 -6.83 -21.86
C LEU A 393 0.88 -8.14 -22.62
N GLU B 8 -4.84 45.50 21.26
CA GLU B 8 -3.94 45.04 22.35
C GLU B 8 -3.84 43.52 22.36
N LEU B 9 -3.12 42.98 21.37
CA LEU B 9 -2.95 41.53 21.23
C LEU B 9 -1.48 41.18 21.12
N ASP B 10 -0.68 42.08 20.56
CA ASP B 10 0.74 41.81 20.37
C ASP B 10 1.46 41.58 21.70
N GLN B 11 0.94 42.14 22.80
CA GLN B 11 1.58 41.93 24.10
C GLN B 11 1.57 40.46 24.48
N LEU B 12 0.47 39.76 24.20
CA LEU B 12 0.42 38.33 24.49
C LEU B 12 1.43 37.56 23.66
N ARG B 13 1.58 37.94 22.38
CA ARG B 13 2.58 37.28 21.54
C ARG B 13 3.98 37.51 22.09
N GLN B 14 4.28 38.74 22.50
CA GLN B 14 5.59 39.04 23.08
C GLN B 14 5.82 38.24 24.35
N GLU B 15 4.82 38.16 25.22
CA GLU B 15 4.97 37.40 26.45
C GLU B 15 5.19 35.92 26.16
N ALA B 16 4.47 35.37 25.18
CA ALA B 16 4.68 33.97 24.81
C ALA B 16 6.09 33.75 24.27
N GLU B 17 6.59 34.68 23.46
CA GLU B 17 7.95 34.56 22.97
C GLU B 17 8.96 34.61 24.11
N GLN B 18 8.74 35.51 25.08
CA GLN B 18 9.65 35.59 26.21
C GLN B 18 9.61 34.31 27.04
N LEU B 19 8.42 33.74 27.26
CA LEU B 19 8.32 32.49 28.00
C LEU B 19 9.00 31.36 27.27
N LYS B 20 8.87 31.32 25.94
CA LYS B 20 9.57 30.30 25.15
C LYS B 20 11.08 30.46 25.28
N ASN B 21 11.57 31.71 25.23
CA ASN B 21 12.99 31.95 25.42
C ASN B 21 13.45 31.48 26.79
N GLN B 22 12.65 31.77 27.82
CA GLN B 22 12.99 31.32 29.17
C GLN B 22 13.07 29.80 29.24
N ILE B 23 12.08 29.12 28.66
CA ILE B 23 12.05 27.66 28.74
C ILE B 23 13.25 27.06 28.02
N ARG B 24 13.55 27.57 26.81
CA ARG B 24 14.68 27.03 26.06
C ARG B 24 16.00 27.31 26.77
N ASP B 25 16.12 28.49 27.38
CA ASP B 25 17.34 28.79 28.14
C ASP B 25 17.50 27.87 29.33
N ALA B 26 16.41 27.61 30.06
CA ALA B 26 16.48 26.68 31.18
C ALA B 26 16.89 25.29 30.71
N ARG B 27 16.31 24.82 29.60
CA ARG B 27 16.66 23.51 29.07
C ARG B 27 18.13 23.47 28.66
N LYS B 28 18.62 24.53 28.01
CA LYS B 28 20.01 24.58 27.62
C LYS B 28 20.93 24.55 28.83
N ALA B 29 20.56 25.27 29.89
CA ALA B 29 21.34 25.24 31.12
C ALA B 29 21.37 23.84 31.72
N CYS B 30 20.24 23.14 31.70
CA CYS B 30 20.18 21.80 32.27
C CYS B 30 20.96 20.78 31.45
N ALA B 31 21.28 21.08 30.19
CA ALA B 31 21.97 20.13 29.32
C ALA B 31 23.48 20.21 29.56
N ASP B 32 23.86 19.87 30.79
CA ASP B 32 25.28 19.89 31.14
C ASP B 32 26.06 18.86 30.33
N ALA B 33 25.49 17.67 30.14
CA ALA B 33 26.16 16.61 29.39
C ALA B 33 25.13 15.88 28.54
N THR B 34 25.62 15.22 27.51
CA THR B 34 24.76 14.43 26.63
C THR B 34 24.76 12.97 27.06
N LEU B 35 23.72 12.25 26.63
CA LEU B 35 23.62 10.83 26.96
C LEU B 35 24.71 10.03 26.26
N SER B 36 25.09 10.45 25.05
CA SER B 36 26.13 9.73 24.31
C SER B 36 27.45 9.75 25.05
N GLN B 37 27.81 10.90 25.63
CA GLN B 37 29.05 10.98 26.40
C GLN B 37 29.06 9.98 27.55
N ILE B 38 27.99 9.98 28.35
CA ILE B 38 27.95 9.14 29.54
C ILE B 38 27.88 7.67 29.14
N THR B 39 27.27 7.36 28.01
CA THR B 39 27.16 5.99 27.53
C THR B 39 28.34 5.58 26.65
N ASN B 40 29.33 6.45 26.47
CA ASN B 40 30.47 6.12 25.62
C ASN B 40 31.24 4.91 26.15
N ASN B 41 31.19 4.68 27.46
CA ASN B 41 32.05 3.67 28.06
C ASN B 41 31.39 2.31 28.25
N ILE B 42 30.10 2.16 27.90
CA ILE B 42 29.43 0.89 28.08
C ILE B 42 29.64 0.02 26.85
N ASP B 43 29.59 -1.29 27.05
CA ASP B 43 29.85 -2.22 25.96
C ASP B 43 28.75 -2.12 24.90
N PRO B 44 29.10 -2.16 23.62
CA PRO B 44 28.05 -2.23 22.59
C PRO B 44 27.23 -3.49 22.72
N VAL B 45 25.97 -3.40 22.30
CA VAL B 45 25.06 -4.54 22.36
C VAL B 45 25.50 -5.66 21.42
N GLY B 46 26.03 -5.31 20.25
CA GLY B 46 26.38 -6.30 19.25
C GLY B 46 25.20 -6.60 18.34
N ARG B 47 25.53 -7.13 17.17
CA ARG B 47 24.49 -7.36 16.17
C ARG B 47 23.42 -8.30 16.71
N ILE B 48 22.17 -7.93 16.48
CA ILE B 48 21.02 -8.68 16.99
C ILE B 48 20.28 -9.25 15.80
N GLN B 49 20.19 -10.57 15.72
CA GLN B 49 19.47 -11.26 14.66
C GLN B 49 18.25 -11.93 15.25
N MET B 50 17.11 -11.76 14.59
CA MET B 50 15.85 -12.36 14.99
C MET B 50 15.25 -13.08 13.80
N ARG B 51 14.78 -14.30 14.02
CA ARG B 51 14.11 -15.06 12.97
C ARG B 51 12.60 -14.99 13.15
N THR B 52 11.89 -15.07 12.04
CA THR B 52 10.43 -15.04 12.06
C THR B 52 9.92 -16.36 12.62
N ARG B 53 9.68 -16.40 13.93
CA ARG B 53 9.16 -17.62 14.55
C ARG B 53 7.78 -17.98 14.02
N ARG B 54 6.91 -16.99 13.86
CA ARG B 54 5.55 -17.21 13.38
C ARG B 54 5.23 -16.20 12.31
N THR B 55 4.31 -16.57 11.41
CA THR B 55 3.74 -15.66 10.44
C THR B 55 2.24 -15.85 10.44
N LEU B 56 1.52 -14.89 11.02
CA LEU B 56 0.07 -14.97 11.17
C LEU B 56 -0.57 -14.38 9.93
N ARG B 57 -1.40 -15.18 9.26
CA ARG B 57 -2.05 -14.76 8.03
C ARG B 57 -3.53 -15.08 8.11
N GLY B 58 -4.32 -14.32 7.36
CA GLY B 58 -5.76 -14.39 7.48
C GLY B 58 -6.45 -13.07 7.27
N HIS B 59 -5.74 -11.97 7.49
CA HIS B 59 -6.26 -10.66 7.13
C HIS B 59 -6.21 -10.48 5.62
N LEU B 60 -7.25 -9.85 5.08
CA LEU B 60 -7.36 -9.67 3.63
C LEU B 60 -6.67 -8.41 3.12
N ALA B 61 -6.58 -7.36 3.92
CA ALA B 61 -6.04 -6.08 3.49
C ALA B 61 -4.94 -5.65 4.46
N LYS B 62 -4.47 -4.42 4.26
CA LYS B 62 -3.34 -3.93 5.04
C LYS B 62 -3.70 -3.85 6.53
N ILE B 63 -2.79 -4.35 7.36
CA ILE B 63 -2.97 -4.28 8.80
C ILE B 63 -2.56 -2.90 9.29
N TYR B 64 -3.39 -2.29 10.12
CA TYR B 64 -3.15 -0.94 10.61
C TYR B 64 -2.71 -0.90 12.06
N ALA B 65 -3.14 -1.85 12.89
CA ALA B 65 -2.78 -1.83 14.30
C ALA B 65 -2.79 -3.26 14.83
N MET B 66 -2.01 -3.47 15.89
CA MET B 66 -2.04 -4.70 16.66
C MET B 66 -1.71 -4.36 18.10
N HIS B 67 -2.14 -5.20 19.02
CA HIS B 67 -1.85 -5.02 20.42
C HIS B 67 -1.72 -6.38 21.09
N TRP B 68 -0.75 -6.49 22.00
CA TRP B 68 -0.56 -7.71 22.76
C TRP B 68 -1.50 -7.76 23.95
N GLY B 69 -1.89 -8.97 24.33
CA GLY B 69 -2.54 -9.16 25.60
C GLY B 69 -1.54 -9.13 26.74
N THR B 70 -2.06 -8.88 27.95
CA THR B 70 -1.18 -8.85 29.11
C THR B 70 -0.54 -10.20 29.38
N ASP B 71 -1.14 -11.29 28.89
CA ASP B 71 -0.59 -12.63 29.11
C ASP B 71 0.57 -12.95 28.17
N SER B 72 0.86 -12.09 27.20
CA SER B 72 1.98 -12.25 26.29
C SER B 72 1.78 -13.42 25.32
N ARG B 73 0.55 -13.84 25.13
CA ARG B 73 0.23 -14.95 24.24
C ARG B 73 -0.85 -14.60 23.23
N LEU B 74 -1.84 -13.82 23.64
CA LEU B 74 -2.92 -13.39 22.76
C LEU B 74 -2.66 -11.97 22.28
N LEU B 75 -2.93 -11.74 21.00
CA LEU B 75 -2.76 -10.42 20.42
C LEU B 75 -3.89 -10.16 19.43
N VAL B 76 -4.47 -8.98 19.50
CA VAL B 76 -5.50 -8.54 18.56
C VAL B 76 -4.84 -7.75 17.45
N SER B 77 -5.37 -7.87 16.25
CA SER B 77 -4.90 -7.06 15.13
C SER B 77 -6.12 -6.52 14.38
N ALA B 78 -5.96 -5.31 13.85
CA ALA B 78 -6.99 -4.67 13.04
C ALA B 78 -6.48 -4.51 11.62
N SER B 79 -7.30 -4.92 10.66
CA SER B 79 -7.02 -4.75 9.26
C SER B 79 -8.15 -3.96 8.63
N GLN B 80 -7.84 -3.25 7.55
CA GLN B 80 -8.83 -2.41 6.89
C GLN B 80 -9.70 -3.17 5.91
N ASP B 81 -9.73 -4.49 6.01
CA ASP B 81 -10.78 -5.28 5.39
C ASP B 81 -12.04 -5.34 6.26
N GLY B 82 -12.01 -4.72 7.43
CA GLY B 82 -13.15 -4.70 8.32
C GLY B 82 -13.19 -5.81 9.33
N LYS B 83 -12.05 -6.35 9.74
CA LYS B 83 -12.00 -7.47 10.68
C LYS B 83 -11.01 -7.17 11.79
N LEU B 84 -11.30 -7.73 12.96
CA LEU B 84 -10.52 -7.52 14.17
C LEU B 84 -10.25 -8.90 14.76
N ILE B 85 -9.14 -9.52 14.35
CA ILE B 85 -8.85 -10.92 14.65
C ILE B 85 -8.00 -10.99 15.92
N ILE B 86 -8.37 -11.90 16.82
CA ILE B 86 -7.59 -12.20 18.01
C ILE B 86 -6.89 -13.53 17.79
N TRP B 87 -5.56 -13.53 17.95
CA TRP B 87 -4.73 -14.68 17.63
C TRP B 87 -4.22 -15.32 18.91
N ASP B 88 -3.85 -16.60 18.79
CA ASP B 88 -2.99 -17.25 19.78
C ASP B 88 -1.63 -17.41 19.13
N SER B 89 -0.66 -16.61 19.59
CA SER B 89 0.64 -16.57 18.92
C SER B 89 1.41 -17.87 19.07
N TYR B 90 1.24 -18.58 20.19
CA TYR B 90 1.96 -19.84 20.37
C TYR B 90 1.56 -20.86 19.32
N THR B 91 0.27 -20.98 19.02
CA THR B 91 -0.24 -21.97 18.10
C THR B 91 -0.66 -21.39 16.76
N THR B 92 -0.73 -20.07 16.64
CA THR B 92 -1.21 -19.38 15.44
C THR B 92 -2.70 -19.62 15.20
N ASN B 93 -3.42 -20.15 16.18
CA ASN B 93 -4.84 -20.36 16.03
C ASN B 93 -5.59 -19.06 16.24
N LYS B 94 -6.62 -18.84 15.43
CA LYS B 94 -7.50 -17.69 15.63
C LYS B 94 -8.48 -17.99 16.76
N VAL B 95 -8.57 -17.09 17.72
CA VAL B 95 -9.48 -17.23 18.84
C VAL B 95 -10.80 -16.51 18.58
N HIS B 96 -10.74 -15.34 17.97
CA HIS B 96 -11.93 -14.59 17.59
C HIS B 96 -11.67 -13.89 16.26
N ALA B 97 -12.76 -13.60 15.55
CA ALA B 97 -12.70 -12.81 14.32
C ALA B 97 -13.92 -11.92 14.31
N ILE B 98 -13.75 -10.66 14.70
CA ILE B 98 -14.86 -9.74 14.94
C ILE B 98 -15.06 -8.89 13.68
N PRO B 99 -16.23 -8.96 13.04
CA PRO B 99 -16.49 -8.06 11.91
C PRO B 99 -16.90 -6.68 12.39
N LEU B 100 -16.32 -5.65 11.78
CA LEU B 100 -16.52 -4.28 12.21
C LEU B 100 -17.51 -3.58 11.31
N ARG B 101 -18.30 -2.67 11.90
CA ARG B 101 -19.27 -1.91 11.12
C ARG B 101 -18.60 -1.01 10.10
N SER B 102 -17.49 -0.38 10.48
CA SER B 102 -16.73 0.48 9.58
C SER B 102 -15.44 -0.24 9.20
N SER B 103 -15.17 -0.31 7.90
CA SER B 103 -14.01 -1.05 7.41
C SER B 103 -12.69 -0.32 7.63
N TRP B 104 -12.74 0.95 8.02
CA TRP B 104 -11.57 1.83 8.01
C TRP B 104 -10.95 1.98 9.38
N VAL B 105 -10.94 0.89 10.16
CA VAL B 105 -10.30 0.89 11.46
C VAL B 105 -8.82 1.23 11.30
N MET B 106 -8.29 2.00 12.25
CA MET B 106 -6.86 2.30 12.26
C MET B 106 -6.26 2.23 13.66
N THR B 107 -6.93 1.62 14.63
CA THR B 107 -6.35 1.45 15.95
C THR B 107 -6.95 0.23 16.63
N CYS B 108 -6.14 -0.38 17.51
CA CYS B 108 -6.49 -1.56 18.28
C CYS B 108 -6.15 -1.33 19.75
N ALA B 109 -6.89 -1.99 20.62
CA ALA B 109 -6.54 -2.05 22.03
C ALA B 109 -7.01 -3.37 22.62
N TYR B 110 -6.27 -3.85 23.59
CA TYR B 110 -6.59 -5.07 24.33
C TYR B 110 -6.66 -4.71 25.80
N ALA B 111 -7.81 -4.98 26.42
CA ALA B 111 -7.96 -4.63 27.82
C ALA B 111 -6.93 -5.39 28.65
N PRO B 112 -6.34 -4.76 29.66
CA PRO B 112 -5.37 -5.48 30.50
C PRO B 112 -5.95 -6.75 31.09
N SER B 113 -7.23 -6.76 31.45
CA SER B 113 -7.87 -7.96 31.96
C SER B 113 -8.09 -9.00 30.87
N GLY B 114 -8.07 -8.59 29.61
CA GLY B 114 -8.33 -9.50 28.51
C GLY B 114 -9.80 -9.69 28.20
N ASN B 115 -10.69 -9.00 28.90
CA ASN B 115 -12.11 -9.20 28.70
C ASN B 115 -12.65 -8.39 27.53
N TYR B 116 -11.97 -7.31 27.16
CA TYR B 116 -12.46 -6.41 26.12
C TYR B 116 -11.36 -6.09 25.13
N VAL B 117 -11.77 -5.75 23.92
CA VAL B 117 -10.93 -5.11 22.93
C VAL B 117 -11.66 -3.86 22.45
N ALA B 118 -10.89 -2.92 21.91
CA ALA B 118 -11.43 -1.69 21.36
C ALA B 118 -10.84 -1.46 19.98
N CYS B 119 -11.49 -0.58 19.22
CA CYS B 119 -11.00 -0.19 17.91
C CYS B 119 -11.71 1.08 17.47
N GLY B 120 -11.18 1.70 16.44
CA GLY B 120 -11.78 2.91 15.91
C GLY B 120 -11.06 3.31 14.63
N GLY B 121 -11.55 4.39 14.03
CA GLY B 121 -10.93 4.88 12.82
C GLY B 121 -11.66 6.05 12.19
N LEU B 122 -11.88 5.98 10.87
CA LEU B 122 -12.49 7.10 10.16
C LEU B 122 -13.94 7.32 10.54
N ASP B 123 -14.57 6.41 11.27
CA ASP B 123 -15.92 6.63 11.76
C ASP B 123 -15.98 7.55 12.97
N ASN B 124 -14.83 7.94 13.51
CA ASN B 124 -14.73 8.84 14.68
C ASN B 124 -15.31 8.21 15.93
N ILE B 125 -15.44 6.89 15.97
CA ILE B 125 -16.09 6.18 17.05
C ILE B 125 -15.13 5.15 17.60
N CYS B 126 -15.08 5.02 18.92
CA CYS B 126 -14.34 3.96 19.59
C CYS B 126 -15.33 2.88 20.00
N SER B 127 -15.29 1.75 19.32
CA SER B 127 -16.19 0.64 19.61
C SER B 127 -15.49 -0.33 20.54
N ILE B 128 -16.21 -0.79 21.57
CA ILE B 128 -15.67 -1.67 22.60
C ILE B 128 -16.43 -2.98 22.53
N TYR B 129 -15.70 -4.08 22.42
CA TYR B 129 -16.27 -5.41 22.22
C TYR B 129 -16.04 -6.26 23.46
N ASN B 130 -17.10 -6.90 23.93
CA ASN B 130 -17.00 -7.80 25.07
C ASN B 130 -16.62 -9.19 24.59
N LEU B 131 -15.49 -9.69 25.08
CA LEU B 131 -15.03 -11.02 24.71
C LEU B 131 -15.59 -12.10 25.62
N LYS B 132 -15.68 -11.82 26.92
CA LYS B 132 -16.18 -12.80 27.90
C LYS B 132 -17.69 -12.67 28.08
N THR B 133 -18.42 -12.81 26.99
CA THR B 133 -19.87 -12.74 27.07
C THR B 133 -20.46 -14.06 27.57
N ARG B 134 -21.58 -13.96 28.27
CA ARG B 134 -22.29 -15.16 28.69
C ARG B 134 -22.91 -15.88 27.50
N GLU B 135 -23.35 -15.13 26.49
CA GLU B 135 -23.89 -15.73 25.27
C GLU B 135 -22.85 -16.57 24.54
N GLY B 136 -21.56 -16.35 24.82
CA GLY B 136 -20.50 -17.08 24.17
C GLY B 136 -20.03 -16.50 22.86
N ASN B 137 -20.56 -15.35 22.44
CA ASN B 137 -20.15 -14.70 21.21
C ASN B 137 -19.78 -13.25 21.49
N VAL B 138 -18.89 -12.71 20.67
CA VAL B 138 -18.43 -11.34 20.86
C VAL B 138 -19.46 -10.38 20.30
N ARG B 139 -19.78 -9.34 21.07
CA ARG B 139 -20.74 -8.33 20.67
C ARG B 139 -20.27 -6.97 21.15
N VAL B 140 -20.73 -5.92 20.47
CA VAL B 140 -20.31 -4.57 20.82
C VAL B 140 -20.86 -4.22 22.19
N SER B 141 -19.95 -3.99 23.14
CA SER B 141 -20.36 -3.58 24.48
C SER B 141 -20.80 -2.11 24.50
N ARG B 142 -20.09 -1.27 23.76
CA ARG B 142 -20.30 0.18 23.84
C ARG B 142 -19.67 0.83 22.61
N GLU B 143 -20.27 1.94 22.19
CA GLU B 143 -19.74 2.77 21.13
C GLU B 143 -19.53 4.18 21.68
N LEU B 144 -18.28 4.58 21.83
CA LEU B 144 -17.95 5.89 22.39
C LEU B 144 -17.92 6.91 21.26
N ALA B 145 -18.87 7.84 21.28
CA ALA B 145 -18.99 8.88 20.27
C ALA B 145 -18.76 10.25 20.89
N GLY B 146 -18.23 11.16 20.09
CA GLY B 146 -17.93 12.49 20.58
C GLY B 146 -16.71 13.12 19.94
N HIS B 147 -15.84 12.30 19.35
CA HIS B 147 -14.72 12.83 18.57
C HIS B 147 -15.22 13.34 17.23
N THR B 148 -14.67 14.47 16.80
CA THR B 148 -15.01 15.05 15.50
C THR B 148 -13.92 14.82 14.46
N GLY B 149 -13.08 13.82 14.66
CA GLY B 149 -12.08 13.44 13.69
C GLY B 149 -11.72 11.99 13.91
N TYR B 150 -11.08 11.40 12.90
CA TYR B 150 -10.83 9.97 12.93
C TYR B 150 -10.07 9.59 14.20
N LEU B 151 -10.34 8.38 14.68
CA LEU B 151 -9.67 7.86 15.86
C LEU B 151 -8.35 7.22 15.46
N SER B 152 -7.26 7.66 16.06
CA SER B 152 -5.93 7.19 15.68
C SER B 152 -5.29 6.28 16.72
N CYS B 153 -5.70 6.36 17.98
CA CYS B 153 -5.18 5.47 19.00
C CYS B 153 -6.16 5.38 20.15
N CYS B 154 -6.07 4.29 20.90
CA CYS B 154 -6.87 4.07 22.09
C CYS B 154 -6.15 3.09 22.99
N ARG B 155 -6.26 3.30 24.30
CA ARG B 155 -5.60 2.43 25.27
C ARG B 155 -6.46 2.34 26.51
N PHE B 156 -6.76 1.12 26.94
CA PHE B 156 -7.54 0.92 28.15
C PHE B 156 -6.73 1.29 29.39
N LEU B 157 -7.34 2.03 30.31
CA LEU B 157 -6.78 2.14 31.65
C LEU B 157 -7.25 1.00 32.53
N ASP B 158 -8.56 0.73 32.51
CA ASP B 158 -9.15 -0.41 33.19
C ASP B 158 -10.18 -1.03 32.25
N ASP B 159 -11.05 -1.86 32.81
CA ASP B 159 -12.18 -2.36 32.04
C ASP B 159 -13.23 -1.29 31.82
N ASN B 160 -13.15 -0.16 32.54
CA ASN B 160 -14.18 0.86 32.50
C ASN B 160 -13.67 2.23 32.07
N GLN B 161 -12.38 2.35 31.76
CA GLN B 161 -11.81 3.61 31.31
C GLN B 161 -10.91 3.37 30.12
N ILE B 162 -10.93 4.31 29.18
CA ILE B 162 -10.13 4.21 27.96
C ILE B 162 -9.76 5.63 27.53
N VAL B 163 -8.51 5.81 27.12
CA VAL B 163 -8.01 7.08 26.60
C VAL B 163 -7.85 6.93 25.10
N THR B 164 -8.38 7.89 24.34
CA THR B 164 -8.34 7.86 22.90
C THR B 164 -7.77 9.17 22.35
N SER B 165 -7.09 9.07 21.22
CA SER B 165 -6.61 10.22 20.48
C SER B 165 -7.29 10.27 19.12
N SER B 166 -7.34 11.46 18.53
CA SER B 166 -8.14 11.64 17.33
C SER B 166 -7.50 12.69 16.43
N GLY B 167 -7.86 12.64 15.15
CA GLY B 167 -7.62 13.76 14.25
C GLY B 167 -8.42 14.98 14.59
N ASP B 168 -9.37 14.85 15.52
CA ASP B 168 -10.04 15.98 16.14
C ASP B 168 -9.06 16.97 16.75
N THR B 169 -7.78 16.59 16.89
CA THR B 169 -6.71 17.37 17.50
C THR B 169 -6.75 17.28 19.02
N THR B 170 -7.60 16.41 19.58
CA THR B 170 -7.75 16.27 21.02
C THR B 170 -7.69 14.81 21.42
N CYS B 171 -7.33 14.58 22.67
CA CYS B 171 -7.45 13.29 23.31
C CYS B 171 -8.55 13.37 24.37
N ALA B 172 -9.13 12.21 24.69
CA ALA B 172 -10.26 12.17 25.59
C ALA B 172 -10.16 10.94 26.48
N LEU B 173 -10.72 11.06 27.68
CA LEU B 173 -10.88 9.95 28.61
C LEU B 173 -12.37 9.64 28.75
N TRP B 174 -12.72 8.36 28.71
CA TRP B 174 -14.11 7.95 28.67
C TRP B 174 -14.45 7.08 29.87
N ASP B 175 -15.70 7.19 30.33
CA ASP B 175 -16.30 6.21 31.23
C ASP B 175 -17.13 5.27 30.37
N ILE B 176 -16.64 4.04 30.19
CA ILE B 176 -17.28 3.14 29.24
C ILE B 176 -18.69 2.79 29.69
N GLU B 177 -18.90 2.65 31.01
CA GLU B 177 -20.22 2.30 31.51
C GLU B 177 -21.25 3.37 31.13
N THR B 178 -20.93 4.64 31.39
CA THR B 178 -21.85 5.72 31.06
C THR B 178 -21.72 6.17 29.62
N GLY B 179 -20.64 5.81 28.93
CA GLY B 179 -20.45 6.22 27.56
C GLY B 179 -20.13 7.68 27.38
N GLN B 180 -19.82 8.38 28.47
CA GLN B 180 -19.58 9.81 28.43
C GLN B 180 -18.08 10.11 28.46
N GLN B 181 -17.73 11.29 28.00
CA GLN B 181 -16.34 11.73 27.95
C GLN B 181 -15.97 12.36 29.29
N THR B 182 -15.22 11.62 30.11
CA THR B 182 -14.87 12.10 31.44
C THR B 182 -14.09 13.41 31.37
N THR B 183 -13.03 13.43 30.57
CA THR B 183 -12.23 14.64 30.41
C THR B 183 -11.66 14.67 29.01
N THR B 184 -11.33 15.88 28.55
CA THR B 184 -10.81 16.12 27.22
C THR B 184 -9.47 16.83 27.35
N PHE B 185 -8.47 16.37 26.59
CA PHE B 185 -7.11 16.89 26.65
C PHE B 185 -6.86 17.65 25.36
N THR B 186 -6.82 18.98 25.47
CA THR B 186 -6.68 19.86 24.32
C THR B 186 -5.37 20.63 24.41
N GLY B 187 -4.87 21.07 23.28
CA GLY B 187 -3.62 21.81 23.24
C GLY B 187 -2.79 21.49 22.01
N HIS B 188 -2.97 20.28 21.46
CA HIS B 188 -2.29 19.95 20.21
C HIS B 188 -2.84 20.80 19.08
N THR B 189 -2.02 20.99 18.05
CA THR B 189 -2.37 21.79 16.89
C THR B 189 -2.74 20.98 15.66
N GLY B 190 -2.12 19.80 15.48
CA GLY B 190 -2.47 18.91 14.41
C GLY B 190 -3.14 17.65 14.94
N ASP B 191 -3.36 16.71 14.02
CA ASP B 191 -3.95 15.43 14.40
C ASP B 191 -3.05 14.71 15.38
N VAL B 192 -3.64 14.24 16.48
CA VAL B 192 -2.91 13.37 17.39
C VAL B 192 -2.83 11.98 16.79
N MET B 193 -1.61 11.48 16.60
CA MET B 193 -1.41 10.24 15.86
C MET B 193 -1.15 9.04 16.73
N SER B 194 -0.46 9.21 17.86
CA SER B 194 -0.14 8.10 18.72
C SER B 194 -0.37 8.51 20.17
N LEU B 195 -0.17 7.55 21.07
CA LEU B 195 -0.62 7.68 22.45
C LEU B 195 0.01 6.54 23.24
N SER B 196 0.45 6.83 24.46
CA SER B 196 1.12 5.82 25.28
C SER B 196 0.87 6.09 26.75
N LEU B 197 0.29 5.11 27.44
CA LEU B 197 0.04 5.22 28.87
C LEU B 197 1.30 4.88 29.66
N ALA B 198 1.48 5.56 30.78
CA ALA B 198 2.60 5.26 31.65
C ALA B 198 2.39 3.91 32.31
N PRO B 199 3.45 3.29 32.83
CA PRO B 199 3.28 2.01 33.53
C PRO B 199 2.29 2.09 34.68
N ASP B 200 2.17 3.23 35.36
CA ASP B 200 1.18 3.40 36.41
C ASP B 200 -0.16 3.94 35.91
N THR B 201 -0.24 4.32 34.63
CA THR B 201 -1.46 4.85 34.01
C THR B 201 -1.95 6.13 34.69
N ARG B 202 -1.08 6.81 35.42
CA ARG B 202 -1.40 8.13 35.94
C ARG B 202 -1.09 9.25 34.98
N LEU B 203 -0.18 9.01 34.03
CA LEU B 203 0.18 9.96 33.00
C LEU B 203 0.16 9.24 31.65
N PHE B 204 0.05 10.02 30.58
CA PHE B 204 0.20 9.49 29.23
C PHE B 204 0.76 10.58 28.33
N VAL B 205 1.35 10.15 27.23
CA VAL B 205 2.05 11.03 26.31
C VAL B 205 1.48 10.81 24.91
N SER B 206 1.33 11.90 24.17
CA SER B 206 0.74 11.85 22.83
C SER B 206 1.60 12.63 21.85
N GLY B 207 1.63 12.15 20.63
CA GLY B 207 2.33 12.85 19.56
C GLY B 207 1.39 13.19 18.43
N ALA B 208 1.53 14.41 17.90
CA ALA B 208 0.56 14.94 16.95
C ALA B 208 1.26 15.34 15.66
N CYS B 209 0.44 15.71 14.68
CA CYS B 209 0.94 16.24 13.42
C CYS B 209 1.26 17.72 13.56
N ASP B 210 2.06 18.04 14.57
CA ASP B 210 2.63 19.37 14.71
C ASP B 210 4.08 19.30 15.20
N ALA B 211 4.71 18.12 15.10
CA ALA B 211 6.11 17.91 15.47
C ALA B 211 6.34 18.06 16.97
N SER B 212 5.28 17.97 17.77
CA SER B 212 5.39 18.12 19.21
C SER B 212 4.72 16.96 19.93
N ALA B 213 5.24 16.65 21.11
CA ALA B 213 4.66 15.66 22.00
C ALA B 213 4.33 16.32 23.32
N LYS B 214 3.26 15.85 23.96
CA LYS B 214 2.77 16.45 25.19
C LYS B 214 2.59 15.37 26.25
N LEU B 215 2.84 15.74 27.50
CA LEU B 215 2.62 14.88 28.64
C LEU B 215 1.37 15.35 29.37
N TRP B 216 0.45 14.42 29.62
CA TRP B 216 -0.86 14.75 30.18
C TRP B 216 -1.02 14.10 31.55
N ASP B 217 -1.90 14.71 32.35
CA ASP B 217 -2.33 14.12 33.60
C ASP B 217 -3.73 13.56 33.41
N VAL B 218 -3.89 12.25 33.65
CA VAL B 218 -5.14 11.59 33.32
C VAL B 218 -6.29 12.16 34.15
N ARG B 219 -6.05 12.42 35.43
CA ARG B 219 -7.13 12.84 36.32
C ARG B 219 -7.28 14.36 36.37
N GLU B 220 -6.17 15.10 36.43
CA GLU B 220 -6.28 16.55 36.43
C GLU B 220 -6.72 17.08 35.07
N GLY B 221 -6.15 16.54 34.00
CA GLY B 221 -6.60 16.87 32.66
C GLY B 221 -5.97 18.12 32.07
N MET B 222 -4.65 18.24 32.18
CA MET B 222 -3.94 19.35 31.55
C MET B 222 -2.58 18.88 31.11
N CYS B 223 -1.98 19.65 30.19
CA CYS B 223 -0.66 19.33 29.66
C CYS B 223 0.39 19.73 30.68
N ARG B 224 1.25 18.79 31.06
CA ARG B 224 2.29 19.09 32.04
C ARG B 224 3.56 19.58 31.36
N GLN B 225 3.97 18.94 30.28
CA GLN B 225 5.16 19.33 29.55
C GLN B 225 4.92 19.15 28.06
N THR B 226 5.66 19.90 27.25
CA THR B 226 5.62 19.80 25.80
C THR B 226 7.03 19.62 25.29
N PHE B 227 7.20 18.71 24.34
CA PHE B 227 8.51 18.37 23.78
C PHE B 227 8.47 18.63 22.28
N THR B 228 9.43 19.41 21.79
CA THR B 228 9.39 19.93 20.43
C THR B 228 10.73 19.75 19.73
N GLY B 229 11.26 18.53 19.75
CA GLY B 229 12.50 18.27 19.03
C GLY B 229 12.32 17.95 17.57
N HIS B 230 11.25 17.23 17.25
CA HIS B 230 11.00 16.79 15.87
C HIS B 230 10.77 17.89 14.86
N GLU B 231 10.92 17.55 13.59
CA GLU B 231 10.73 18.52 12.52
C GLU B 231 9.42 18.33 11.77
N SER B 232 8.90 17.12 11.71
CA SER B 232 7.69 16.82 10.94
C SER B 232 6.72 16.05 11.84
N ASP B 233 5.68 15.52 11.22
CA ASP B 233 4.59 14.87 11.94
C ASP B 233 5.09 13.67 12.74
N ILE B 234 4.65 13.58 13.99
CA ILE B 234 4.95 12.44 14.84
C ILE B 234 3.94 11.33 14.56
N ASN B 235 4.43 10.13 14.26
CA ASN B 235 3.58 9.01 13.93
C ASN B 235 3.44 8.00 15.06
N ALA B 236 4.46 7.85 15.89
CA ALA B 236 4.50 6.82 16.91
C ALA B 236 5.14 7.38 18.17
N ILE B 237 4.70 6.86 19.32
CA ILE B 237 5.24 7.25 20.61
C ILE B 237 5.13 6.06 21.55
N CYS B 238 6.14 5.90 22.39
CA CYS B 238 6.21 4.76 23.31
C CYS B 238 6.88 5.20 24.59
N PHE B 239 6.44 4.64 25.71
CA PHE B 239 7.04 4.95 27.00
C PHE B 239 8.21 4.02 27.29
N PHE B 240 9.28 4.60 27.81
CA PHE B 240 10.37 3.79 28.36
C PHE B 240 9.86 3.01 29.56
N PRO B 241 10.26 1.74 29.73
CA PRO B 241 9.67 0.92 30.80
C PRO B 241 9.75 1.54 32.17
N ASN B 242 10.80 2.34 32.40
CA ASN B 242 10.93 3.05 33.66
C ASN B 242 9.80 4.05 33.87
N GLY B 243 9.20 4.56 32.79
CA GLY B 243 8.17 5.57 32.88
C GLY B 243 8.68 6.99 32.96
N ASN B 244 9.99 7.20 33.02
CA ASN B 244 10.58 8.52 33.09
C ASN B 244 11.08 9.03 31.75
N ALA B 245 10.86 8.29 30.68
CA ALA B 245 11.28 8.70 29.34
C ALA B 245 10.33 8.08 28.33
N PHE B 246 10.41 8.57 27.10
CA PHE B 246 9.58 8.03 26.02
C PHE B 246 10.26 8.32 24.70
N ALA B 247 10.06 7.44 23.74
CA ALA B 247 10.61 7.59 22.39
C ALA B 247 9.51 7.94 21.41
N THR B 248 9.87 8.67 20.37
CA THR B 248 8.93 9.15 19.38
C THR B 248 9.50 8.98 17.99
N GLY B 249 8.63 8.66 17.02
CA GLY B 249 9.03 8.53 15.64
C GLY B 249 8.18 9.43 14.75
N SER B 250 8.75 9.87 13.64
CA SER B 250 8.11 10.85 12.80
C SER B 250 8.49 10.65 11.34
N ASP B 251 7.88 11.45 10.46
CA ASP B 251 8.23 11.47 9.04
C ASP B 251 9.60 12.05 8.78
N ASP B 252 10.24 12.61 9.80
CA ASP B 252 11.63 13.04 9.76
C ASP B 252 12.56 11.93 9.32
N ALA B 253 12.11 10.67 9.45
CA ALA B 253 12.99 9.51 9.35
C ALA B 253 13.92 9.43 10.55
N THR B 254 13.45 9.94 11.68
CA THR B 254 14.25 10.02 12.89
C THR B 254 13.40 9.59 14.07
N CYS B 255 14.00 8.89 15.03
CA CYS B 255 13.41 8.66 16.33
C CYS B 255 14.22 9.43 17.37
N ARG B 256 13.54 9.87 18.42
CA ARG B 256 14.18 10.67 19.46
C ARG B 256 13.70 10.19 20.82
N LEU B 257 14.54 10.41 21.83
CA LEU B 257 14.24 9.99 23.19
C LEU B 257 14.17 11.23 24.08
N PHE B 258 13.07 11.37 24.81
CA PHE B 258 12.85 12.49 25.70
C PHE B 258 12.77 12.00 27.14
N ASP B 259 13.23 12.83 28.07
CA ASP B 259 13.16 12.54 29.49
C ASP B 259 12.22 13.53 30.15
N LEU B 260 11.23 13.01 30.88
CA LEU B 260 10.22 13.85 31.50
C LEU B 260 10.81 14.82 32.53
N ARG B 261 11.87 14.42 33.23
CA ARG B 261 12.47 15.24 34.27
C ARG B 261 13.45 16.28 33.71
N ALA B 262 14.26 15.89 32.74
CA ALA B 262 15.13 16.86 32.08
C ALA B 262 14.35 17.79 31.16
N ASP B 263 13.19 17.36 30.68
CA ASP B 263 12.33 18.17 29.83
C ASP B 263 13.02 18.57 28.53
N GLN B 264 13.83 17.67 27.98
CA GLN B 264 14.49 17.94 26.71
C GLN B 264 14.90 16.63 26.06
N GLU B 265 15.26 16.72 24.79
CA GLU B 265 15.68 15.55 24.03
C GLU B 265 16.96 14.97 24.61
N LEU B 266 17.06 13.65 24.62
CA LEU B 266 18.24 12.95 25.13
C LEU B 266 19.09 12.37 24.02
N MET B 267 18.49 11.69 23.05
CA MET B 267 19.26 11.06 21.99
C MET B 267 18.41 10.95 20.75
N THR B 268 19.07 10.90 19.60
CA THR B 268 18.43 10.86 18.29
C THR B 268 18.88 9.62 17.54
N TYR B 269 17.94 8.93 16.92
CA TYR B 269 18.20 7.67 16.22
C TYR B 269 17.90 7.87 14.73
N SER B 270 18.94 8.17 13.96
CA SER B 270 18.80 8.42 12.53
C SER B 270 20.04 7.92 11.82
N HIS B 271 19.90 7.71 10.52
CA HIS B 271 21.01 7.34 9.65
C HIS B 271 20.86 8.06 8.32
N ASP B 272 21.99 8.26 7.64
CA ASP B 272 21.98 9.03 6.40
C ASP B 272 21.20 8.33 5.31
N ASN B 273 21.30 7.00 5.23
CA ASN B 273 20.61 6.27 4.17
C ASN B 273 19.14 6.01 4.49
N ILE B 274 18.69 6.35 5.69
CA ILE B 274 17.27 6.21 6.05
C ILE B 274 16.63 7.57 5.82
N ILE B 275 15.78 7.65 4.80
CA ILE B 275 15.13 8.91 4.44
C ILE B 275 13.62 8.68 4.33
N CYS B 276 13.11 7.73 5.10
CA CYS B 276 11.69 7.41 5.13
C CYS B 276 11.18 7.55 6.55
N GLY B 277 9.87 7.82 6.67
CA GLY B 277 9.29 8.05 7.98
C GLY B 277 9.20 6.79 8.81
N ILE B 278 8.99 6.99 10.10
CA ILE B 278 8.87 5.90 11.07
C ILE B 278 7.40 5.76 11.42
N THR B 279 6.86 4.55 11.28
CA THR B 279 5.43 4.35 11.54
C THR B 279 5.13 3.83 12.94
N SER B 280 6.10 3.19 13.60
CA SER B 280 5.85 2.60 14.90
C SER B 280 7.17 2.49 15.65
N VAL B 281 7.09 2.59 16.98
CA VAL B 281 8.25 2.43 17.84
C VAL B 281 7.85 1.59 19.04
N SER B 282 8.83 0.91 19.64
CA SER B 282 8.60 0.08 20.81
C SER B 282 9.93 -0.19 21.49
N PHE B 283 9.88 -0.38 22.80
CA PHE B 283 11.06 -0.76 23.57
C PHE B 283 11.02 -2.25 23.91
N SER B 284 12.19 -2.79 24.22
CA SER B 284 12.27 -4.12 24.80
C SER B 284 12.11 -4.04 26.31
N LYS B 285 12.02 -5.21 26.95
CA LYS B 285 11.67 -5.25 28.36
C LYS B 285 12.63 -4.41 29.21
N SER B 286 13.93 -4.57 28.98
CA SER B 286 14.91 -3.80 29.73
C SER B 286 14.95 -2.34 29.30
N GLY B 287 14.51 -2.04 28.09
CA GLY B 287 14.55 -0.70 27.57
C GLY B 287 15.79 -0.38 26.77
N ARG B 288 16.74 -1.30 26.64
CA ARG B 288 17.95 -1.00 25.89
C ARG B 288 17.75 -1.09 24.38
N LEU B 289 16.80 -1.88 23.91
CA LEU B 289 16.51 -1.94 22.48
C LEU B 289 15.30 -1.08 22.17
N LEU B 290 15.42 -0.24 21.15
CA LEU B 290 14.31 0.50 20.60
C LEU B 290 14.02 -0.05 19.22
N LEU B 291 12.83 -0.61 19.04
CA LEU B 291 12.42 -1.22 17.78
C LEU B 291 11.47 -0.26 17.06
N ALA B 292 11.77 0.04 15.80
CA ALA B 292 11.01 1.02 15.04
C ALA B 292 10.69 0.48 13.67
N GLY B 293 9.44 0.66 13.25
CA GLY B 293 9.00 0.29 11.92
C GLY B 293 9.12 1.46 10.97
N TYR B 294 9.33 1.15 9.69
CA TYR B 294 9.62 2.16 8.69
C TYR B 294 8.78 1.94 7.45
N ASP B 295 8.65 2.99 6.65
CA ASP B 295 8.02 2.89 5.34
C ASP B 295 8.89 2.11 4.36
N ASP B 296 10.13 1.81 4.74
CA ASP B 296 11.08 1.05 3.93
C ASP B 296 10.67 -0.40 3.81
N PHE B 297 9.63 -0.80 4.53
CA PHE B 297 9.17 -2.18 4.66
C PHE B 297 9.99 -2.95 5.68
N ASN B 298 10.89 -2.27 6.38
CA ASN B 298 11.81 -2.90 7.31
C ASN B 298 11.60 -2.32 8.70
N CYS B 299 12.00 -3.10 9.70
CA CYS B 299 12.02 -2.64 11.09
C CYS B 299 13.46 -2.70 11.58
N ASN B 300 13.93 -1.61 12.18
CA ASN B 300 15.30 -1.48 12.62
C ASN B 300 15.38 -1.48 14.13
N VAL B 301 16.29 -2.28 14.67
CA VAL B 301 16.55 -2.34 16.10
C VAL B 301 17.66 -1.34 16.42
N TRP B 302 17.43 -0.52 17.43
CA TRP B 302 18.38 0.51 17.83
C TRP B 302 18.82 0.27 19.27
N ASP B 303 20.12 0.40 19.50
CA ASP B 303 20.62 0.44 20.86
C ASP B 303 20.21 1.76 21.50
N ALA B 304 19.29 1.70 22.47
CA ALA B 304 18.70 2.92 22.99
C ALA B 304 19.72 3.82 23.67
N LEU B 305 20.85 3.28 24.11
CA LEU B 305 21.86 4.05 24.81
C LEU B 305 23.00 4.51 23.90
N LYS B 306 23.37 3.70 22.92
CA LYS B 306 24.46 4.04 22.00
C LYS B 306 23.97 4.69 20.72
N ALA B 307 22.69 4.55 20.38
CA ALA B 307 22.12 5.05 19.13
C ALA B 307 22.67 4.34 17.90
N ASP B 308 23.30 3.18 18.08
CA ASP B 308 23.77 2.36 16.97
C ASP B 308 22.70 1.36 16.56
N ARG B 309 22.43 1.31 15.27
CA ARG B 309 21.45 0.36 14.73
C ARG B 309 21.98 -1.05 14.95
N ALA B 310 21.34 -1.79 15.87
CA ALA B 310 21.84 -3.09 16.29
C ALA B 310 21.28 -4.25 15.47
N GLY B 311 20.33 -4.01 14.59
CA GLY B 311 19.77 -5.09 13.79
C GLY B 311 18.67 -4.56 12.90
N VAL B 312 18.18 -5.45 12.03
CA VAL B 312 17.07 -5.13 11.14
C VAL B 312 16.14 -6.33 11.08
N LEU B 313 14.84 -6.06 11.18
CA LEU B 313 13.83 -7.11 11.03
C LEU B 313 13.25 -7.08 9.63
N ALA B 314 14.08 -7.36 8.62
CA ALA B 314 13.59 -7.41 7.26
C ALA B 314 12.78 -8.68 7.03
N GLY B 315 11.84 -8.62 6.08
CA GLY B 315 10.97 -9.75 5.82
C GLY B 315 9.57 -9.36 5.40
N HIS B 316 9.17 -8.13 5.67
CA HIS B 316 7.90 -7.63 5.18
C HIS B 316 8.06 -7.01 3.80
N ASP B 317 7.08 -7.24 2.93
CA ASP B 317 7.14 -6.76 1.56
C ASP B 317 6.31 -5.50 1.34
N ASN B 318 5.87 -4.85 2.42
CA ASN B 318 5.17 -3.57 2.31
C ASN B 318 5.39 -2.81 3.60
N ARG B 319 4.78 -1.64 3.69
CA ARG B 319 4.95 -0.74 4.82
C ARG B 319 4.71 -1.45 6.13
N VAL B 320 5.63 -1.27 7.09
CA VAL B 320 5.41 -1.80 8.43
C VAL B 320 4.61 -0.77 9.22
N SER B 321 3.39 -1.14 9.60
CA SER B 321 2.45 -0.21 10.20
C SER B 321 2.38 -0.32 11.71
N CYS B 322 2.59 -1.50 12.28
CA CYS B 322 2.47 -1.68 13.72
C CYS B 322 3.59 -2.57 14.21
N LEU B 323 3.83 -2.50 15.52
CA LEU B 323 5.00 -3.11 16.13
C LEU B 323 4.75 -3.19 17.63
N GLY B 324 4.88 -4.39 18.20
CA GLY B 324 4.62 -4.54 19.62
C GLY B 324 5.43 -5.64 20.28
N VAL B 325 5.93 -5.36 21.48
CA VAL B 325 6.74 -6.29 22.26
C VAL B 325 5.90 -6.82 23.42
N THR B 326 6.00 -8.13 23.66
CA THR B 326 5.19 -8.75 24.71
C THR B 326 5.57 -8.19 26.08
N ASP B 327 4.66 -8.35 27.04
CA ASP B 327 4.88 -7.80 28.37
C ASP B 327 6.01 -8.53 29.09
N ASP B 328 6.34 -9.74 28.67
CA ASP B 328 7.50 -10.45 29.21
C ASP B 328 8.74 -10.31 28.33
N GLY B 329 8.66 -9.56 27.24
CA GLY B 329 9.81 -9.36 26.39
C GLY B 329 10.21 -10.56 25.57
N MET B 330 9.35 -11.57 25.50
CA MET B 330 9.74 -12.84 24.89
C MET B 330 9.69 -12.78 23.37
N ALA B 331 8.88 -11.89 22.80
CA ALA B 331 8.73 -11.85 21.35
C ALA B 331 8.32 -10.46 20.91
N VAL B 332 8.49 -10.22 19.61
CA VAL B 332 8.08 -8.98 18.98
C VAL B 332 7.13 -9.33 17.83
N ALA B 333 5.97 -8.68 17.80
CA ALA B 333 5.04 -8.80 16.70
C ALA B 333 5.19 -7.59 15.81
N THR B 334 5.06 -7.81 14.51
CA THR B 334 5.21 -6.74 13.52
C THR B 334 4.16 -6.96 12.44
N GLY B 335 3.20 -6.05 12.35
CA GLY B 335 2.24 -6.06 11.28
C GLY B 335 2.68 -5.16 10.15
N SER B 336 2.05 -5.32 9.00
CA SER B 336 2.49 -4.62 7.81
C SER B 336 1.34 -4.46 6.83
N TRP B 337 1.54 -3.58 5.85
CA TRP B 337 0.54 -3.35 4.83
C TRP B 337 0.42 -4.51 3.85
N ASP B 338 1.32 -5.49 3.92
CA ASP B 338 1.21 -6.70 3.12
C ASP B 338 0.22 -7.69 3.71
N SER B 339 -0.40 -7.36 4.85
CA SER B 339 -1.51 -8.08 5.47
C SER B 339 -1.06 -9.30 6.25
N PHE B 340 0.20 -9.38 6.66
CA PHE B 340 0.69 -10.47 7.50
C PHE B 340 1.30 -9.90 8.77
N LEU B 341 1.17 -10.66 9.85
CA LEU B 341 1.90 -10.41 11.08
C LEU B 341 2.99 -11.45 11.24
N LYS B 342 4.18 -11.01 11.63
CA LYS B 342 5.31 -11.87 11.87
C LYS B 342 5.75 -11.72 13.31
N ILE B 343 6.20 -12.82 13.91
CA ILE B 343 6.67 -12.84 15.27
C ILE B 343 8.14 -13.23 15.27
N TRP B 344 8.95 -12.48 16.02
CA TRP B 344 10.39 -12.59 15.97
C TRP B 344 10.93 -12.83 17.36
N ASN B 345 12.05 -13.54 17.45
CA ASN B 345 12.68 -13.83 18.73
C ASN B 345 14.20 -13.84 18.61
N ASN C 5 -11.46 40.34 16.59
CA ASN C 5 -11.26 38.86 16.67
C ASN C 5 -10.96 38.45 18.11
N THR C 6 -12.00 38.02 18.82
CA THR C 6 -11.83 37.60 20.21
C THR C 6 -11.16 36.24 20.31
N ALA C 7 -11.35 35.38 19.31
CA ALA C 7 -10.74 34.06 19.35
C ALA C 7 -9.22 34.14 19.41
N SER C 8 -8.64 35.08 18.67
CA SER C 8 -7.19 35.24 18.69
C SER C 8 -6.71 35.65 20.09
N ILE C 9 -7.42 36.58 20.73
CA ILE C 9 -7.04 37.01 22.07
C ILE C 9 -7.14 35.85 23.04
N ALA C 10 -8.23 35.08 22.96
CA ALA C 10 -8.40 33.95 23.85
C ALA C 10 -7.29 32.92 23.66
N GLN C 11 -6.96 32.61 22.39
CA GLN C 11 -5.92 31.64 22.11
C GLN C 11 -4.57 32.12 22.62
N ALA C 12 -4.26 33.41 22.42
CA ALA C 12 -3.00 33.95 22.90
C ALA C 12 -2.92 33.88 24.42
N ARG C 13 -4.01 34.23 25.12
CA ARG C 13 -4.02 34.16 26.56
C ARG C 13 -3.83 32.72 27.05
N LYS C 14 -4.51 31.77 26.41
CA LYS C 14 -4.36 30.36 26.78
C LYS C 14 -2.93 29.90 26.58
N LEU C 15 -2.33 30.26 25.44
CA LEU C 15 -0.95 29.86 25.17
C LEU C 15 0.01 30.46 26.19
N VAL C 16 -0.18 31.74 26.53
CA VAL C 16 0.69 32.38 27.50
C VAL C 16 0.57 31.69 28.86
N GLU C 17 -0.66 31.39 29.27
CA GLU C 17 -0.84 30.72 30.56
C GLU C 17 -0.22 29.32 30.55
N GLN C 18 -0.38 28.58 29.46
CA GLN C 18 0.24 27.25 29.37
C GLN C 18 1.76 27.35 29.44
N LEU C 19 2.33 28.33 28.74
CA LEU C 19 3.78 28.52 28.79
C LEU C 19 4.23 28.88 30.20
N LYS C 20 3.45 29.71 30.89
CA LYS C 20 3.78 30.04 32.27
C LYS C 20 3.77 28.79 33.15
N MET C 21 2.76 27.95 32.99
CA MET C 21 2.65 26.74 33.81
C MET C 21 3.81 25.79 33.52
N GLU C 22 4.19 25.66 32.25
CA GLU C 22 5.26 24.74 31.90
C GLU C 22 6.63 25.31 32.26
N ALA C 23 6.75 26.63 32.37
CA ALA C 23 8.04 27.23 32.68
C ALA C 23 8.46 26.92 34.11
N ASN C 24 7.52 27.02 35.06
CA ASN C 24 7.83 26.87 36.47
C ASN C 24 7.70 25.41 36.86
N ILE C 25 8.75 24.65 36.55
CA ILE C 25 8.83 23.24 36.91
C ILE C 25 10.28 22.92 37.25
N ASP C 26 10.49 21.91 38.09
CA ASP C 26 11.83 21.50 38.48
C ASP C 26 12.41 20.57 37.44
N ARG C 27 13.54 20.97 36.86
CA ARG C 27 14.23 20.19 35.83
C ARG C 27 15.58 19.76 36.36
N ILE C 28 15.86 18.46 36.28
CA ILE C 28 17.18 17.96 36.65
C ILE C 28 18.13 18.07 35.45
N LYS C 29 19.42 17.91 35.73
CA LYS C 29 20.42 17.96 34.67
C LYS C 29 20.41 16.67 33.87
N VAL C 30 20.76 16.79 32.59
CA VAL C 30 20.71 15.65 31.68
C VAL C 30 21.64 14.54 32.15
N SER C 31 22.70 14.89 32.88
CA SER C 31 23.62 13.87 33.38
C SER C 31 22.91 12.87 34.29
N LYS C 32 22.11 13.39 35.23
CA LYS C 32 21.41 12.50 36.15
C LYS C 32 20.37 11.65 35.44
N ALA C 33 19.65 12.24 34.48
CA ALA C 33 18.65 11.48 33.73
C ALA C 33 19.31 10.36 32.94
N ALA C 34 20.41 10.67 32.26
CA ALA C 34 21.13 9.66 31.51
C ALA C 34 21.64 8.56 32.43
N ALA C 35 22.16 8.95 33.59
CA ALA C 35 22.66 7.96 34.55
C ALA C 35 21.55 7.04 35.00
N ASP C 36 20.38 7.60 35.31
CA ASP C 36 19.25 6.79 35.77
C ASP C 36 18.78 5.84 34.67
N LEU C 37 18.72 6.32 33.43
CA LEU C 37 18.29 5.46 32.33
C LEU C 37 19.27 4.31 32.14
N MET C 38 20.57 4.60 32.19
CA MET C 38 21.57 3.56 32.06
C MET C 38 21.48 2.56 33.21
N ALA C 39 21.27 3.06 34.43
CA ALA C 39 21.14 2.18 35.58
C ALA C 39 19.95 1.25 35.41
N TYR C 40 18.82 1.77 34.96
CA TYR C 40 17.66 0.92 34.73
C TYR C 40 17.95 -0.12 33.66
N CYS C 41 18.59 0.28 32.56
CA CYS C 41 18.86 -0.65 31.48
C CYS C 41 19.76 -1.78 31.95
N GLU C 42 20.79 -1.47 32.75
CA GLU C 42 21.72 -2.50 33.18
C GLU C 42 21.21 -3.29 34.37
N ALA C 43 20.20 -2.79 35.09
CA ALA C 43 19.64 -3.56 36.19
C ALA C 43 18.75 -4.69 35.70
N HIS C 44 18.16 -4.54 34.50
CA HIS C 44 17.25 -5.53 33.94
C HIS C 44 17.81 -6.16 32.67
N ALA C 45 19.13 -6.17 32.51
CA ALA C 45 19.71 -6.68 31.28
C ALA C 45 19.42 -8.18 31.10
N LYS C 46 19.54 -8.95 32.18
CA LYS C 46 19.36 -10.40 32.07
C LYS C 46 17.91 -10.78 31.87
N GLU C 47 16.98 -9.96 32.35
CA GLU C 47 15.56 -10.24 32.24
C GLU C 47 14.99 -9.87 30.88
N ASP C 48 15.83 -9.57 29.89
CA ASP C 48 15.37 -9.10 28.59
C ASP C 48 15.66 -10.17 27.54
N PRO C 49 14.70 -11.02 27.20
CA PRO C 49 14.98 -12.09 26.23
C PRO C 49 15.50 -11.62 24.89
N LEU C 50 14.99 -10.51 24.35
CA LEU C 50 15.47 -10.05 23.06
C LEU C 50 16.92 -9.62 23.13
N LEU C 51 17.30 -8.94 24.21
CA LEU C 51 18.70 -8.58 24.40
C LEU C 51 19.56 -9.81 24.61
N THR C 52 19.13 -10.72 25.50
CA THR C 52 19.86 -11.94 25.81
C THR C 52 18.97 -13.13 25.44
N PRO C 53 19.09 -13.65 24.23
CA PRO C 53 18.21 -14.74 23.81
C PRO C 53 18.25 -15.93 24.75
N VAL C 54 17.07 -16.49 25.06
CA VAL C 54 16.96 -17.64 25.94
C VAL C 54 17.13 -18.90 25.11
N PRO C 55 17.62 -20.00 25.70
CA PRO C 55 17.73 -21.25 24.93
C PRO C 55 16.36 -21.77 24.52
N ALA C 56 16.34 -22.51 23.42
CA ALA C 56 15.08 -22.93 22.82
C ALA C 56 14.25 -23.76 23.79
N SER C 57 14.87 -24.29 24.84
CA SER C 57 14.12 -25.08 25.82
C SER C 57 13.03 -24.27 26.48
N GLU C 58 13.27 -22.98 26.74
CA GLU C 58 12.28 -22.12 27.38
C GLU C 58 11.61 -21.15 26.42
N ASN C 59 12.00 -21.14 25.15
CA ASN C 59 11.41 -20.21 24.20
C ASN C 59 10.02 -20.69 23.80
N PRO C 60 8.95 -19.96 24.15
CA PRO C 60 7.60 -20.45 23.81
C PRO C 60 7.34 -20.49 22.32
N PHE C 61 8.14 -19.82 21.50
CA PHE C 61 7.91 -19.75 20.07
C PHE C 61 8.89 -20.62 19.31
N GLN D 2 12.31 23.57 17.72
CA GLN D 2 10.91 23.74 17.27
C GLN D 2 10.85 24.39 15.89
N VAL D 3 10.03 23.83 15.01
CA VAL D 3 9.83 24.41 13.69
C VAL D 3 9.24 25.81 13.86
N GLN D 4 9.92 26.81 13.30
CA GLN D 4 9.45 28.18 13.42
C GLN D 4 9.76 28.93 12.15
N LEU D 5 8.80 29.75 11.71
CA LEU D 5 8.94 30.60 10.54
C LEU D 5 8.43 31.99 10.89
N GLN D 6 9.18 33.02 10.51
CA GLN D 6 8.81 34.40 10.75
C GLN D 6 9.00 35.20 9.47
N GLU D 7 7.93 35.78 8.95
CA GLU D 7 7.99 36.58 7.74
C GLU D 7 8.42 38.01 8.06
N SER D 8 9.01 38.67 7.07
CA SER D 8 9.42 40.06 7.18
C SER D 8 9.04 40.78 5.89
N GLY D 9 8.91 42.09 5.99
CA GLY D 9 8.50 42.90 4.86
C GLY D 9 6.99 43.08 4.83
N GLY D 10 6.53 44.20 4.30
CA GLY D 10 5.11 44.50 4.29
C GLY D 10 4.90 46.00 4.29
N GLY D 11 3.87 46.42 5.01
CA GLY D 11 3.57 47.84 5.14
C GLY D 11 2.78 48.38 3.97
N LEU D 12 2.82 49.70 3.80
CA LEU D 12 2.06 50.38 2.75
C LEU D 12 2.91 50.50 1.49
N VAL D 13 2.26 50.27 0.35
CA VAL D 13 2.91 50.41 -0.96
C VAL D 13 1.91 51.07 -1.91
N GLN D 14 2.39 51.99 -2.72
CA GLN D 14 1.54 52.60 -3.72
C GLN D 14 1.24 51.58 -4.83
N PRO D 15 0.09 51.70 -5.50
CA PRO D 15 -0.19 50.78 -6.61
C PRO D 15 0.89 50.83 -7.66
N GLY D 16 1.26 49.67 -8.20
CA GLY D 16 2.38 49.58 -9.12
C GLY D 16 3.73 49.57 -8.44
N GLY D 17 3.77 49.57 -7.11
CA GLY D 17 5.03 49.61 -6.38
C GLY D 17 5.69 48.25 -6.27
N SER D 18 6.71 48.15 -5.43
CA SER D 18 7.48 46.92 -5.27
C SER D 18 7.70 46.64 -3.80
N LEU D 19 7.88 45.36 -3.48
CA LEU D 19 8.08 44.90 -2.11
C LEU D 19 8.73 43.53 -2.16
N ARG D 20 9.63 43.27 -1.22
CA ARG D 20 10.33 41.99 -1.13
C ARG D 20 10.06 41.38 0.24
N LEU D 21 9.30 40.30 0.26
CA LEU D 21 9.02 39.59 1.50
C LEU D 21 10.10 38.56 1.79
N SER D 22 10.45 38.43 3.06
CA SER D 22 11.47 37.48 3.50
C SER D 22 10.94 36.67 4.67
N CYS D 23 11.32 35.39 4.71
CA CYS D 23 10.97 34.51 5.81
C CYS D 23 12.23 33.85 6.34
N ALA D 24 12.40 33.88 7.66
CA ALA D 24 13.55 33.27 8.33
C ALA D 24 13.09 31.93 8.90
N ALA D 25 13.57 30.84 8.30
CA ALA D 25 13.19 29.49 8.71
C ALA D 25 14.18 28.94 9.71
N SER D 26 13.68 28.15 10.65
CA SER D 26 14.53 27.56 11.68
C SER D 26 13.87 26.29 12.19
N GLY D 27 14.68 25.46 12.86
CA GLY D 27 14.19 24.25 13.47
C GLY D 27 14.08 23.05 12.55
N PHE D 28 14.55 23.17 11.31
CA PHE D 28 14.49 22.05 10.37
C PHE D 28 15.48 22.29 9.25
N THR D 29 15.84 21.22 8.56
CA THR D 29 16.78 21.33 7.45
C THR D 29 16.10 22.00 6.27
N PHE D 30 16.31 23.31 6.12
CA PHE D 30 15.59 24.09 5.13
C PHE D 30 15.71 23.49 3.73
N SER D 31 16.90 22.96 3.40
CA SER D 31 17.15 22.52 2.04
C SER D 31 16.29 21.32 1.66
N ASN D 32 15.77 20.61 2.65
CA ASN D 32 15.10 19.34 2.39
C ASN D 32 13.62 19.48 2.09
N TYR D 33 13.06 20.68 2.19
CA TYR D 33 11.62 20.89 2.14
C TYR D 33 11.25 21.81 1.00
N LYS D 34 10.15 21.48 0.32
CA LYS D 34 9.49 22.42 -0.57
C LYS D 34 8.77 23.48 0.23
N MET D 35 8.80 24.72 -0.26
CA MET D 35 8.22 25.84 0.47
C MET D 35 7.22 26.56 -0.43
N ASN D 36 6.23 27.20 0.20
CA ASN D 36 5.14 27.85 -0.50
C ASN D 36 4.97 29.26 0.03
N TRP D 37 4.21 30.07 -0.71
CA TRP D 37 3.70 31.34 -0.23
C TRP D 37 2.18 31.32 -0.35
N VAL D 38 1.51 31.62 0.75
CA VAL D 38 0.06 31.66 0.81
C VAL D 38 -0.34 33.02 1.37
N ARG D 39 -1.54 33.46 1.02
CA ARG D 39 -2.04 34.75 1.48
C ARG D 39 -3.52 34.63 1.81
N GLN D 40 -3.97 35.46 2.75
CA GLN D 40 -5.36 35.49 3.20
C GLN D 40 -5.82 36.95 3.13
N ALA D 41 -6.48 37.30 2.03
CA ALA D 41 -6.96 38.66 1.88
C ALA D 41 -8.10 38.91 2.87
N PRO D 42 -8.36 40.17 3.23
CA PRO D 42 -9.43 40.45 4.19
C PRO D 42 -10.77 39.89 3.74
N GLY D 43 -11.40 39.09 4.60
CA GLY D 43 -12.71 38.53 4.31
C GLY D 43 -12.72 37.33 3.39
N LYS D 44 -11.56 36.76 3.07
CA LYS D 44 -11.48 35.60 2.19
C LYS D 44 -10.59 34.54 2.83
N GLY D 45 -10.58 33.36 2.21
CA GLY D 45 -9.82 32.24 2.71
C GLY D 45 -8.36 32.31 2.31
N LEU D 46 -7.60 31.33 2.80
CA LEU D 46 -6.17 31.24 2.51
C LEU D 46 -5.96 30.80 1.08
N GLU D 47 -5.16 31.56 0.34
CA GLU D 47 -4.88 31.29 -1.06
C GLU D 47 -3.43 30.91 -1.24
N TRP D 48 -3.17 30.05 -2.22
CA TRP D 48 -1.80 29.69 -2.58
C TRP D 48 -1.28 30.61 -3.66
N VAL D 49 -0.05 31.10 -3.48
CA VAL D 49 0.56 32.07 -4.38
C VAL D 49 1.64 31.42 -5.24
N SER D 50 2.68 30.89 -4.60
CA SER D 50 3.75 30.25 -5.36
C SER D 50 4.47 29.25 -4.46
N ASP D 51 5.22 28.36 -5.10
CA ASP D 51 6.01 27.36 -4.39
C ASP D 51 7.33 27.17 -5.13
N ILE D 52 8.33 26.70 -4.40
CA ILE D 52 9.65 26.45 -4.95
C ILE D 52 10.18 25.15 -4.37
N SER D 53 10.71 24.29 -5.23
CA SER D 53 11.11 22.95 -4.81
C SER D 53 12.35 23.02 -3.91
N GLN D 54 12.86 21.84 -3.55
CA GLN D 54 13.95 21.77 -2.58
C GLN D 54 15.18 22.51 -3.09
N SER D 55 15.54 22.31 -4.36
CA SER D 55 16.72 22.92 -4.94
C SER D 55 16.44 24.24 -5.66
N GLY D 56 15.17 24.58 -5.85
CA GLY D 56 14.82 25.75 -6.63
C GLY D 56 14.68 25.51 -8.11
N ALA D 57 14.76 24.26 -8.57
CA ALA D 57 14.68 23.99 -10.00
C ALA D 57 13.26 24.15 -10.52
N SER D 58 12.26 23.80 -9.72
CA SER D 58 10.86 23.87 -10.14
C SER D 58 10.18 25.00 -9.40
N ILE D 59 9.50 25.86 -10.14
CA ILE D 59 8.80 27.00 -9.58
C ILE D 59 7.44 27.11 -10.26
N SER D 60 6.41 27.43 -9.49
CA SER D 60 5.08 27.65 -10.03
C SER D 60 4.44 28.82 -9.30
N TYR D 61 3.52 29.47 -9.99
CA TYR D 61 2.80 30.62 -9.44
C TYR D 61 1.32 30.46 -9.70
N THR D 62 0.52 31.06 -8.82
CA THR D 62 -0.88 31.23 -9.13
C THR D 62 -1.02 32.21 -10.30
N GLY D 63 -1.95 31.93 -11.20
CA GLY D 63 -2.00 32.66 -12.45
C GLY D 63 -2.18 34.15 -12.29
N SER D 64 -2.69 34.60 -11.15
CA SER D 64 -2.98 36.02 -10.98
C SER D 64 -1.77 36.84 -10.60
N VAL D 65 -0.62 36.22 -10.33
CA VAL D 65 0.58 36.94 -9.92
C VAL D 65 1.79 36.64 -10.80
N LYS D 66 1.73 35.63 -11.67
CA LYS D 66 2.88 35.35 -12.52
C LYS D 66 3.10 36.49 -13.49
N GLY D 67 4.37 36.87 -13.67
CA GLY D 67 4.74 38.09 -14.34
C GLY D 67 4.94 39.24 -13.39
N ARG D 68 4.46 39.13 -12.16
CA ARG D 68 4.65 40.15 -11.14
C ARG D 68 5.54 39.66 -10.00
N PHE D 69 5.25 38.49 -9.45
CA PHE D 69 5.94 37.97 -8.28
C PHE D 69 7.03 36.99 -8.71
N THR D 70 8.11 36.95 -7.94
CA THR D 70 9.23 36.07 -8.19
C THR D 70 9.65 35.42 -6.88
N ILE D 71 9.53 34.11 -6.78
CA ILE D 71 9.88 33.37 -5.58
C ILE D 71 11.30 32.86 -5.70
N SER D 72 12.06 33.00 -4.62
CA SER D 72 13.43 32.50 -4.59
C SER D 72 13.79 32.07 -3.17
N ARG D 73 14.54 30.98 -3.09
CA ARG D 73 15.03 30.44 -1.83
C ARG D 73 16.55 30.39 -1.88
N ASP D 74 17.19 30.62 -0.73
CA ASP D 74 18.64 30.52 -0.61
C ASP D 74 18.93 29.64 0.60
N ASN D 75 19.19 28.36 0.35
CA ASN D 75 19.30 27.39 1.43
C ASN D 75 20.45 27.68 2.38
N ALA D 76 21.48 28.39 1.91
CA ALA D 76 22.63 28.65 2.76
C ALA D 76 22.24 29.42 4.01
N LYS D 77 21.42 30.46 3.86
CA LYS D 77 20.98 31.28 4.98
C LYS D 77 19.58 30.88 5.47
N ASN D 78 19.01 29.80 4.93
CA ASN D 78 17.72 29.27 5.38
C ASN D 78 16.63 30.34 5.32
N THR D 79 16.56 31.02 4.18
CA THR D 79 15.62 32.12 3.99
C THR D 79 14.88 31.94 2.68
N LEU D 80 13.59 32.30 2.69
CA LEU D 80 12.75 32.27 1.51
C LEU D 80 12.31 33.70 1.21
N TYR D 81 12.45 34.11 -0.04
CA TYR D 81 12.08 35.45 -0.47
C TYR D 81 10.97 35.39 -1.51
N LEU D 82 10.20 36.49 -1.58
CA LEU D 82 9.17 36.66 -2.61
C LEU D 82 9.26 38.11 -3.10
N GLN D 83 10.01 38.32 -4.18
CA GLN D 83 9.96 39.60 -4.85
C GLN D 83 8.62 39.77 -5.52
N MET D 84 7.96 40.90 -5.24
CA MET D 84 6.62 41.17 -5.75
C MET D 84 6.54 42.64 -6.12
N ASN D 85 6.48 42.91 -7.43
CA ASN D 85 6.45 44.27 -7.94
C ASN D 85 5.21 44.45 -8.79
N SER D 86 4.94 45.70 -9.16
CA SER D 86 3.72 46.06 -9.89
C SER D 86 2.48 45.70 -9.09
N LEU D 87 2.53 45.90 -7.78
CA LEU D 87 1.43 45.50 -6.90
C LEU D 87 0.14 46.18 -7.30
N LYS D 88 -0.96 45.43 -7.24
CA LYS D 88 -2.29 45.93 -7.52
C LYS D 88 -3.13 45.94 -6.25
N PRO D 89 -4.05 46.91 -6.11
CA PRO D 89 -4.92 46.94 -4.93
C PRO D 89 -5.37 45.57 -4.42
N GLU D 90 -5.65 44.63 -5.32
CA GLU D 90 -6.17 43.33 -4.89
C GLU D 90 -5.12 42.46 -4.23
N ASP D 91 -3.86 42.88 -4.23
CA ASP D 91 -2.80 42.13 -3.56
C ASP D 91 -2.77 42.39 -2.05
N THR D 92 -3.74 43.10 -1.51
CA THR D 92 -3.77 43.38 -0.07
C THR D 92 -4.18 42.13 0.69
N ALA D 93 -3.27 41.60 1.50
CA ALA D 93 -3.53 40.38 2.24
C ALA D 93 -2.39 40.15 3.23
N VAL D 94 -2.62 39.24 4.16
CA VAL D 94 -1.55 38.77 5.04
C VAL D 94 -0.85 37.59 4.36
N TYR D 95 0.45 37.71 4.17
CA TYR D 95 1.21 36.69 3.46
C TYR D 95 1.94 35.80 4.47
N TYR D 96 1.69 34.49 4.39
CA TYR D 96 2.35 33.52 5.26
C TYR D 96 3.27 32.65 4.41
N CYS D 97 4.34 32.16 5.04
CA CYS D 97 5.23 31.19 4.43
C CYS D 97 4.86 29.82 4.96
N ALA D 98 4.63 28.88 4.05
CA ALA D 98 4.18 27.54 4.40
C ALA D 98 5.25 26.53 4.01
N ARG D 99 5.56 25.62 4.93
CA ARG D 99 6.52 24.56 4.67
C ARG D 99 5.80 23.30 4.22
N CYS D 100 6.51 22.46 3.48
CA CYS D 100 5.97 21.16 3.12
C CYS D 100 5.79 20.31 4.38
N PRO D 101 4.76 19.47 4.46
CA PRO D 101 4.60 18.65 5.68
C PRO D 101 5.80 17.77 5.97
N ALA D 102 6.40 17.17 4.94
CA ALA D 102 7.45 16.18 5.12
C ALA D 102 8.60 16.44 4.14
N PRO D 103 9.80 15.97 4.45
CA PRO D 103 10.93 16.18 3.54
C PRO D 103 10.95 15.15 2.41
N PHE D 104 11.83 15.39 1.45
CA PHE D 104 12.06 14.46 0.33
C PHE D 104 10.78 14.16 -0.43
N THR D 105 9.78 15.03 -0.35
CA THR D 105 8.45 14.75 -0.83
C THR D 105 8.06 15.76 -1.90
N ARG D 106 7.32 15.30 -2.91
CA ARG D 106 6.92 16.16 -4.02
C ARG D 106 5.54 16.78 -3.86
N ASP D 107 4.70 16.25 -2.98
CA ASP D 107 3.38 16.81 -2.77
C ASP D 107 3.34 17.70 -1.53
N CYS D 108 2.46 18.70 -1.56
CA CYS D 108 2.21 19.59 -0.43
C CYS D 108 0.71 19.57 -0.18
N PHE D 109 0.30 18.95 0.93
CA PHE D 109 -1.12 18.63 1.11
C PHE D 109 -1.87 19.77 1.79
N ASP D 110 -1.45 20.17 2.99
CA ASP D 110 -2.30 20.96 3.87
C ASP D 110 -1.78 22.36 4.14
N VAL D 111 -1.07 22.97 3.18
CA VAL D 111 -0.45 24.26 3.42
C VAL D 111 -1.50 25.36 3.55
N THR D 112 -2.59 25.28 2.81
CA THR D 112 -3.63 26.29 2.80
C THR D 112 -4.75 26.01 3.81
N SER D 113 -4.62 24.97 4.61
CA SER D 113 -5.68 24.61 5.55
C SER D 113 -5.83 25.70 6.61
N THR D 114 -7.03 25.77 7.20
CA THR D 114 -7.35 26.82 8.15
C THR D 114 -6.31 26.90 9.26
N THR D 115 -5.90 25.75 9.78
CA THR D 115 -4.84 25.65 10.76
C THR D 115 -3.78 24.69 10.25
N TYR D 116 -2.55 25.17 10.12
CA TYR D 116 -1.43 24.38 9.64
C TYR D 116 -0.25 24.64 10.57
N ALA D 117 0.37 23.57 11.07
CA ALA D 117 1.40 23.71 12.07
C ALA D 117 2.63 24.43 11.49
N TYR D 118 3.03 24.07 10.28
CA TYR D 118 4.27 24.57 9.69
C TYR D 118 4.05 25.80 8.82
N ARG D 119 3.42 26.81 9.40
CA ARG D 119 3.15 28.06 8.70
C ARG D 119 3.59 29.22 9.59
N GLY D 120 3.97 30.33 8.96
CA GLY D 120 4.44 31.47 9.70
C GLY D 120 3.30 32.27 10.30
N GLN D 121 3.69 33.32 11.02
CA GLN D 121 2.71 34.21 11.63
C GLN D 121 2.03 35.09 10.59
N GLY D 122 2.76 35.53 9.59
CA GLY D 122 2.20 36.31 8.49
C GLY D 122 2.55 37.78 8.59
N THR D 123 2.73 38.41 7.43
CA THR D 123 3.03 39.82 7.32
C THR D 123 1.98 40.50 6.46
N GLN D 124 1.44 41.61 6.96
CA GLN D 124 0.41 42.35 6.24
C GLN D 124 1.05 43.15 5.11
N VAL D 125 0.45 43.05 3.92
CA VAL D 125 0.83 43.86 2.77
C VAL D 125 -0.40 44.64 2.35
N THR D 126 -0.28 45.97 2.30
CA THR D 126 -1.38 46.85 1.96
C THR D 126 -1.00 47.68 0.75
N VAL D 127 -1.99 47.93 -0.12
CA VAL D 127 -1.81 48.74 -1.32
C VAL D 127 -2.79 49.90 -1.24
N SER D 128 -2.28 51.12 -1.29
CA SER D 128 -3.12 52.31 -1.21
C SER D 128 -4.00 52.43 -2.44
N SER E 19 29.90 -43.20 -34.13
CA SER E 19 31.18 -43.12 -33.44
C SER E 19 30.96 -42.86 -31.96
N ASN E 20 31.94 -43.27 -31.15
CA ASN E 20 31.81 -43.08 -29.71
C ASN E 20 31.67 -41.61 -29.34
N ASP E 21 32.45 -40.73 -29.98
CA ASP E 21 32.34 -39.30 -29.67
C ASP E 21 30.96 -38.76 -30.04
N VAL E 22 30.44 -39.16 -31.20
CA VAL E 22 29.12 -38.66 -31.62
C VAL E 22 28.05 -39.10 -30.64
N ARG E 23 28.05 -40.38 -30.28
CA ARG E 23 27.03 -40.90 -29.38
C ARG E 23 27.16 -40.26 -28.01
N ALA E 24 28.39 -40.10 -27.52
CA ALA E 24 28.59 -39.47 -26.22
C ALA E 24 28.12 -38.01 -26.23
N SER E 25 28.39 -37.29 -27.32
CA SER E 25 27.94 -35.90 -27.39
C SER E 25 26.43 -35.81 -27.41
N LEU E 26 25.77 -36.68 -28.18
CA LEU E 26 24.31 -36.66 -28.19
C LEU E 26 23.73 -37.03 -26.83
N TYR E 27 24.32 -38.03 -26.17
CA TYR E 27 23.87 -38.37 -24.83
C TYR E 27 24.03 -37.19 -23.89
N SER E 28 25.15 -36.46 -23.99
CA SER E 28 25.35 -35.31 -23.13
C SER E 28 24.32 -34.22 -23.42
N LEU E 29 23.99 -34.00 -24.70
CA LEU E 29 22.99 -32.99 -25.04
C LEU E 29 21.63 -33.35 -24.46
N MET E 30 21.21 -34.61 -24.63
CA MET E 30 19.91 -35.02 -24.09
C MET E 30 19.90 -34.96 -22.58
N VAL E 31 21.02 -35.31 -21.93
CA VAL E 31 21.10 -35.24 -20.48
C VAL E 31 21.02 -33.78 -20.03
N LEU E 32 21.62 -32.87 -20.79
CA LEU E 32 21.53 -31.45 -20.47
C LEU E 32 20.08 -30.98 -20.56
N ILE E 33 19.37 -31.41 -21.60
CA ILE E 33 17.96 -31.05 -21.73
C ILE E 33 17.17 -31.58 -20.53
N ILE E 34 17.43 -32.82 -20.15
CA ILE E 34 16.70 -33.43 -19.03
C ILE E 34 16.98 -32.67 -17.74
N LEU E 35 18.25 -32.36 -17.49
CA LEU E 35 18.59 -31.64 -16.27
C LEU E 35 17.97 -30.25 -16.26
N THR E 36 17.97 -29.57 -17.40
CA THR E 36 17.34 -28.26 -17.46
C THR E 36 15.86 -28.35 -17.14
N THR E 37 15.17 -29.33 -17.74
CA THR E 37 13.76 -29.53 -17.44
C THR E 37 13.54 -29.71 -15.95
N LEU E 38 14.26 -30.66 -15.35
CA LEU E 38 14.03 -30.97 -13.94
C LEU E 38 14.35 -29.76 -13.07
N VAL E 39 15.48 -29.09 -13.31
CA VAL E 39 15.89 -27.99 -12.45
C VAL E 39 14.90 -26.84 -12.54
N GLY E 40 14.54 -26.43 -13.76
CA GLY E 40 13.61 -25.32 -13.91
C GLY E 40 12.25 -25.62 -13.31
N ASN E 41 11.73 -26.79 -13.60
CA ASN E 41 10.40 -27.08 -13.10
C ASN E 41 10.38 -27.25 -11.59
N LEU E 42 11.41 -27.86 -11.03
CA LEU E 42 11.46 -27.98 -9.58
C LEU E 42 11.63 -26.62 -8.91
N ILE E 43 12.40 -25.73 -9.53
CA ILE E 43 12.49 -24.37 -9.02
C ILE E 43 11.11 -23.73 -8.99
N VAL E 44 10.36 -23.87 -10.08
CA VAL E 44 9.01 -23.29 -10.13
C VAL E 44 8.13 -23.89 -9.05
N ILE E 45 8.14 -25.22 -8.92
CA ILE E 45 7.27 -25.89 -7.96
C ILE E 45 7.58 -25.41 -6.55
N VAL E 46 8.86 -25.44 -6.16
CA VAL E 46 9.23 -25.06 -4.81
C VAL E 46 8.91 -23.59 -4.57
N SER E 47 9.23 -22.73 -5.53
CA SER E 47 9.00 -21.30 -5.35
C SER E 47 7.52 -21.00 -5.14
N ILE E 48 6.64 -21.64 -5.92
CA ILE E 48 5.21 -21.41 -5.73
C ILE E 48 4.75 -21.98 -4.39
N SER E 49 5.18 -23.19 -4.05
CA SER E 49 4.67 -23.82 -2.83
C SER E 49 5.10 -23.06 -1.58
N HIS E 50 6.34 -22.55 -1.56
CA HIS E 50 6.87 -21.96 -0.34
C HIS E 50 6.29 -20.57 -0.10
N PHE E 51 6.58 -19.62 -0.99
CA PHE E 51 6.18 -18.23 -0.79
C PHE E 51 4.66 -18.15 -0.76
N LYS E 52 4.11 -17.57 0.32
CA LYS E 52 2.67 -17.59 0.51
C LYS E 52 1.96 -16.53 -0.33
N GLN E 53 2.61 -15.39 -0.59
CA GLN E 53 2.00 -14.37 -1.42
C GLN E 53 1.80 -14.84 -2.85
N LEU E 54 2.50 -15.89 -3.28
CA LEU E 54 2.35 -16.44 -4.61
C LEU E 54 1.31 -17.54 -4.67
N HIS E 55 0.35 -17.56 -3.75
CA HIS E 55 -0.63 -18.64 -3.70
C HIS E 55 -1.93 -18.22 -4.36
N THR E 56 -1.85 -17.39 -5.39
CA THR E 56 -3.04 -17.06 -6.17
C THR E 56 -3.39 -18.23 -7.10
N PRO E 57 -4.65 -18.34 -7.50
CA PRO E 57 -5.04 -19.50 -8.32
C PRO E 57 -4.26 -19.63 -9.63
N THR E 58 -3.94 -18.51 -10.28
CA THR E 58 -3.12 -18.57 -11.49
C THR E 58 -1.77 -19.22 -11.20
N ASN E 59 -1.16 -18.86 -10.08
CA ASN E 59 0.11 -19.48 -9.72
C ASN E 59 -0.07 -20.97 -9.44
N TRP E 60 -1.27 -21.40 -9.04
CA TRP E 60 -1.49 -22.83 -8.88
C TRP E 60 -1.62 -23.54 -10.22
N LEU E 61 -2.19 -22.88 -11.23
CA LEU E 61 -2.11 -23.43 -12.58
C LEU E 61 -0.67 -23.57 -13.03
N ILE E 62 0.15 -22.56 -12.79
CA ILE E 62 1.56 -22.63 -13.17
C ILE E 62 2.26 -23.75 -12.39
N HIS E 63 1.93 -23.90 -11.12
CA HIS E 63 2.50 -24.97 -10.30
C HIS E 63 2.15 -26.35 -10.85
N SER E 64 0.90 -26.55 -11.23
CA SER E 64 0.50 -27.85 -11.80
C SER E 64 1.19 -28.09 -13.14
N MET E 65 1.33 -27.05 -13.96
CA MET E 65 2.05 -27.20 -15.22
C MET E 65 3.50 -27.58 -14.98
N ALA E 66 4.13 -26.94 -13.98
CA ALA E 66 5.51 -27.29 -13.65
C ALA E 66 5.60 -28.73 -13.17
N THR E 67 4.62 -29.19 -12.40
CA THR E 67 4.61 -30.57 -11.96
C THR E 67 4.52 -31.53 -13.15
N VAL E 68 3.65 -31.23 -14.11
CA VAL E 68 3.52 -32.08 -15.28
C VAL E 68 4.84 -32.14 -16.04
N ASP E 69 5.47 -30.99 -16.24
CA ASP E 69 6.74 -30.95 -16.96
C ASP E 69 7.83 -31.71 -16.21
N PHE E 70 7.88 -31.58 -14.89
CA PHE E 70 8.87 -32.29 -14.09
C PHE E 70 8.68 -33.80 -14.19
N LEU E 71 7.43 -34.26 -14.10
CA LEU E 71 7.18 -35.68 -14.23
C LEU E 71 7.49 -36.19 -15.63
N LEU E 72 7.28 -35.35 -16.65
CA LEU E 72 7.71 -35.72 -17.99
C LEU E 72 9.23 -35.86 -18.05
N GLY E 73 9.94 -34.95 -17.39
CA GLY E 73 11.39 -35.02 -17.39
C GLY E 73 11.94 -36.24 -16.68
N CYS E 74 11.28 -36.66 -15.61
CA CYS E 74 11.76 -37.81 -14.83
C CYS E 74 11.27 -39.14 -15.40
N LEU E 75 9.96 -39.32 -15.51
CA LEU E 75 9.38 -40.62 -15.81
C LEU E 75 9.47 -41.01 -17.28
N VAL E 76 9.73 -40.06 -18.18
CA VAL E 76 9.58 -40.32 -19.60
C VAL E 76 10.87 -40.03 -20.35
N MET E 77 11.49 -38.89 -20.05
CA MET E 77 12.57 -38.40 -20.92
C MET E 77 13.77 -39.33 -20.96
N PRO E 78 14.29 -39.86 -19.84
CA PRO E 78 15.51 -40.70 -19.92
C PRO E 78 15.36 -41.93 -20.80
N TYR E 79 14.21 -42.58 -20.77
CA TYR E 79 14.05 -43.82 -21.54
C TYR E 79 13.87 -43.51 -23.02
N SER E 80 13.23 -42.39 -23.34
CA SER E 80 13.21 -41.93 -24.72
C SER E 80 14.61 -41.56 -25.19
N MET E 81 15.44 -41.02 -24.29
CA MET E 81 16.81 -40.70 -24.64
C MET E 81 17.61 -41.96 -24.95
N VAL E 82 17.44 -43.00 -24.13
CA VAL E 82 18.09 -44.28 -24.40
C VAL E 82 17.60 -44.84 -25.72
N ARG E 83 16.29 -44.78 -25.97
CA ARG E 83 15.73 -45.30 -27.21
C ARG E 83 16.26 -44.54 -28.42
N SER E 84 16.43 -43.22 -28.30
CA SER E 84 16.92 -42.43 -29.42
C SER E 84 18.39 -42.71 -29.70
N ALA E 85 19.22 -42.73 -28.66
CA ALA E 85 20.63 -42.99 -28.85
C ALA E 85 20.89 -44.43 -29.30
N GLU E 86 20.00 -45.35 -28.96
CA GLU E 86 20.14 -46.76 -29.33
C GLU E 86 18.77 -47.24 -29.79
N HIS E 87 18.66 -47.64 -31.05
CA HIS E 87 17.34 -47.88 -31.65
C HIS E 87 16.60 -49.04 -31.01
N CYS E 88 17.26 -49.87 -30.20
CA CYS E 88 16.58 -50.98 -29.55
C CYS E 88 15.86 -50.48 -28.30
N TRP E 89 15.00 -51.36 -27.75
CA TRP E 89 14.24 -51.08 -26.53
C TRP E 89 14.65 -52.11 -25.49
N TYR E 90 15.27 -51.65 -24.41
CA TYR E 90 15.87 -52.53 -23.41
C TYR E 90 15.01 -52.71 -22.17
N PHE E 91 13.77 -52.22 -22.16
CA PHE E 91 13.00 -52.13 -20.94
C PHE E 91 11.75 -53.02 -20.91
N GLY E 92 11.52 -53.81 -21.94
CA GLY E 92 10.44 -54.78 -21.90
C GLY E 92 9.22 -54.35 -22.70
N GLU E 93 8.38 -55.32 -23.04
CA GLU E 93 7.23 -55.07 -23.89
C GLU E 93 6.09 -54.38 -23.15
N VAL E 94 5.94 -54.62 -21.84
CA VAL E 94 4.88 -53.97 -21.09
C VAL E 94 5.29 -52.55 -20.71
N PHE E 95 6.55 -52.35 -20.31
CA PHE E 95 7.01 -51.00 -20.07
C PHE E 95 6.95 -50.16 -21.34
N CYS E 96 6.96 -50.78 -22.51
CA CYS E 96 6.76 -50.02 -23.73
C CYS E 96 5.40 -49.34 -23.72
N LYS E 97 4.34 -50.10 -23.43
CA LYS E 97 3.01 -49.53 -23.34
C LYS E 97 2.93 -48.50 -22.23
N ILE E 98 3.54 -48.78 -21.08
CA ILE E 98 3.49 -47.84 -19.97
C ILE E 98 4.16 -46.52 -20.35
N HIS E 99 5.31 -46.61 -21.01
CA HIS E 99 6.05 -45.41 -21.39
C HIS E 99 5.30 -44.62 -22.46
N THR E 100 4.71 -45.31 -23.44
CA THR E 100 3.94 -44.60 -24.46
C THR E 100 2.74 -43.90 -23.84
N SER E 101 2.05 -44.58 -22.94
CA SER E 101 0.89 -43.99 -22.27
C SER E 101 1.30 -42.79 -21.44
N THR E 102 2.40 -42.89 -20.70
CA THR E 102 2.86 -41.76 -19.90
C THR E 102 3.28 -40.60 -20.79
N ASP E 103 3.94 -40.88 -21.92
CA ASP E 103 4.30 -39.84 -22.86
C ASP E 103 3.07 -39.08 -23.32
N ILE E 104 2.07 -39.80 -23.82
CA ILE E 104 0.86 -39.14 -24.31
C ILE E 104 0.19 -38.36 -23.19
N MET E 105 0.05 -39.00 -22.03
CA MET E 105 -0.61 -38.38 -20.88
C MET E 105 0.05 -37.05 -20.53
N LEU E 106 1.37 -37.06 -20.33
CA LEU E 106 2.04 -35.88 -19.80
C LEU E 106 2.16 -34.79 -20.87
N SER E 107 2.41 -35.16 -22.12
CA SER E 107 2.43 -34.14 -23.17
C SER E 107 1.07 -33.46 -23.29
N SER E 108 0.00 -34.26 -23.34
CA SER E 108 -1.34 -33.68 -23.44
C SER E 108 -1.68 -32.84 -22.23
N ALA E 109 -1.28 -33.29 -21.03
CA ALA E 109 -1.55 -32.51 -19.83
C ALA E 109 -0.82 -31.18 -19.85
N SER E 110 0.41 -31.17 -20.37
CA SER E 110 1.14 -29.91 -20.49
C SER E 110 0.43 -28.95 -21.44
N ILE E 111 -0.02 -29.45 -22.59
CA ILE E 111 -0.72 -28.59 -23.54
C ILE E 111 -2.03 -28.09 -22.94
N PHE E 112 -2.72 -28.96 -22.18
CA PHE E 112 -3.95 -28.56 -21.51
C PHE E 112 -3.70 -27.45 -20.50
N HIS E 113 -2.62 -27.56 -19.73
CA HIS E 113 -2.29 -26.52 -18.76
C HIS E 113 -2.00 -25.20 -19.48
N LEU E 114 -1.32 -25.28 -20.63
CA LEU E 114 -1.07 -24.06 -21.40
C LEU E 114 -2.38 -23.41 -21.84
N SER E 115 -3.31 -24.22 -22.35
CA SER E 115 -4.59 -23.67 -22.79
C SER E 115 -5.37 -23.05 -21.63
N PHE E 116 -5.33 -23.68 -20.46
CA PHE E 116 -6.05 -23.14 -19.32
C PHE E 116 -5.40 -21.86 -18.81
N ILE E 117 -4.07 -21.76 -18.86
CA ILE E 117 -3.42 -20.50 -18.51
C ILE E 117 -3.83 -19.41 -19.48
N SER E 118 -3.94 -19.75 -20.77
CA SER E 118 -4.42 -18.77 -21.74
C SER E 118 -5.83 -18.30 -21.40
N ILE E 119 -6.73 -19.22 -21.04
CA ILE E 119 -8.09 -18.84 -20.69
C ILE E 119 -8.11 -17.96 -19.44
N ASP E 120 -7.27 -18.29 -18.46
CA ASP E 120 -7.15 -17.46 -17.27
C ASP E 120 -6.77 -16.03 -17.63
N ARG E 121 -5.74 -15.87 -18.48
CA ARG E 121 -5.32 -14.54 -18.89
C ARG E 121 -6.40 -13.85 -19.71
N TYR E 122 -7.16 -14.61 -20.49
CA TYR E 122 -8.27 -14.03 -21.23
C TYR E 122 -9.30 -13.42 -20.29
N TYR E 123 -9.63 -14.13 -19.22
CA TYR E 123 -10.57 -13.56 -18.25
C TYR E 123 -9.97 -12.36 -17.54
N ALA E 124 -8.68 -12.41 -17.24
CA ALA E 124 -8.05 -11.27 -16.58
C ALA E 124 -8.10 -10.02 -17.45
N VAL E 125 -7.93 -10.18 -18.76
CA VAL E 125 -7.77 -9.02 -19.64
C VAL E 125 -9.11 -8.55 -20.18
N CYS E 126 -9.99 -9.48 -20.55
CA CYS E 126 -11.23 -9.13 -21.22
C CYS E 126 -12.44 -9.09 -20.29
N ASP E 127 -12.32 -9.60 -19.07
CA ASP E 127 -13.36 -9.48 -18.05
C ASP E 127 -12.73 -9.04 -16.74
N PRO E 128 -12.09 -7.87 -16.73
CA PRO E 128 -11.32 -7.46 -15.54
C PRO E 128 -12.15 -7.25 -14.28
N LEU E 129 -13.40 -6.80 -14.40
CA LEU E 129 -14.18 -6.47 -13.21
C LEU E 129 -14.72 -7.71 -12.51
N ARG E 130 -14.83 -8.82 -13.21
CA ARG E 130 -15.31 -10.07 -12.63
C ARG E 130 -14.25 -11.15 -12.58
N TYR E 131 -12.98 -10.80 -12.74
CA TYR E 131 -11.93 -11.81 -12.84
C TYR E 131 -11.74 -12.55 -11.52
N LYS E 132 -11.59 -11.80 -10.42
CA LYS E 132 -11.36 -12.43 -9.13
C LYS E 132 -12.53 -13.31 -8.72
N ALA E 133 -13.76 -12.90 -9.06
CA ALA E 133 -14.92 -13.71 -8.74
C ALA E 133 -14.97 -14.96 -9.60
N LYS E 134 -14.60 -14.86 -10.87
CA LYS E 134 -14.75 -15.98 -11.79
C LYS E 134 -13.59 -16.96 -11.69
N MET E 135 -12.37 -16.46 -11.82
CA MET E 135 -11.17 -17.31 -11.73
C MET E 135 -10.76 -17.48 -10.27
N ASN E 136 -11.59 -18.19 -9.53
CA ASN E 136 -11.32 -18.50 -8.14
C ASN E 136 -10.69 -19.88 -8.00
N ILE E 137 -10.27 -20.21 -6.78
CA ILE E 137 -9.49 -21.43 -6.56
C ILE E 137 -10.28 -22.68 -6.92
N LEU E 138 -11.60 -22.64 -6.80
CA LEU E 138 -12.39 -23.81 -7.18
C LEU E 138 -12.32 -24.06 -8.69
N VAL E 139 -12.44 -22.99 -9.48
CA VAL E 139 -12.36 -23.13 -10.93
C VAL E 139 -10.97 -23.61 -11.34
N ILE E 140 -9.93 -23.11 -10.66
CA ILE E 140 -8.57 -23.52 -10.97
C ILE E 140 -8.36 -24.99 -10.61
N CYS E 141 -8.91 -25.43 -9.49
CA CYS E 141 -8.81 -26.84 -9.12
C CYS E 141 -9.52 -27.72 -10.15
N VAL E 142 -10.68 -27.28 -10.63
CA VAL E 142 -11.36 -28.04 -11.67
C VAL E 142 -10.52 -28.08 -12.95
N MET E 143 -9.88 -26.96 -13.29
CA MET E 143 -9.02 -26.93 -14.46
C MET E 143 -7.87 -27.93 -14.33
N ILE E 144 -7.24 -27.94 -13.16
CA ILE E 144 -6.13 -28.86 -12.91
C ILE E 144 -6.62 -30.31 -13.00
N PHE E 145 -7.79 -30.57 -12.44
CA PHE E 145 -8.33 -31.92 -12.50
C PHE E 145 -8.56 -32.36 -13.94
N ILE E 146 -9.17 -31.50 -14.76
CA ILE E 146 -9.39 -31.86 -16.15
C ILE E 146 -8.07 -32.09 -16.85
N SER E 147 -7.10 -31.19 -16.63
CA SER E 147 -5.80 -31.30 -17.27
C SER E 147 -5.08 -32.60 -16.94
N TRP E 148 -5.14 -33.05 -15.69
CA TRP E 148 -4.49 -34.30 -15.32
C TRP E 148 -5.30 -35.53 -15.70
N SER E 149 -6.63 -35.43 -15.81
CA SER E 149 -7.46 -36.61 -15.90
C SER E 149 -7.81 -36.95 -17.34
N VAL E 150 -8.32 -35.99 -18.10
CA VAL E 150 -8.78 -36.29 -19.46
C VAL E 150 -7.66 -36.92 -20.26
N PRO E 151 -6.45 -36.34 -20.29
CA PRO E 151 -5.36 -36.99 -21.01
C PRO E 151 -4.97 -38.34 -20.45
N ALA E 152 -5.08 -38.55 -19.14
CA ALA E 152 -4.76 -39.86 -18.59
C ALA E 152 -5.72 -40.92 -19.07
N VAL E 153 -7.03 -40.65 -18.99
CA VAL E 153 -8.01 -41.58 -19.52
C VAL E 153 -7.72 -41.84 -20.99
N PHE E 154 -7.54 -40.77 -21.77
CA PHE E 154 -7.35 -40.92 -23.20
C PHE E 154 -6.14 -41.79 -23.50
N ALA E 155 -4.97 -41.44 -22.95
CA ALA E 155 -3.73 -42.13 -23.28
C ALA E 155 -3.77 -43.58 -22.82
N PHE E 156 -4.08 -43.82 -21.54
CA PHE E 156 -4.00 -45.17 -21.04
C PHE E 156 -5.09 -46.05 -21.63
N GLY E 157 -6.28 -45.50 -21.88
CA GLY E 157 -7.30 -46.26 -22.57
C GLY E 157 -6.86 -46.65 -23.96
N MET E 158 -6.33 -45.69 -24.73
CA MET E 158 -5.92 -46.00 -26.10
C MET E 158 -4.78 -46.99 -26.14
N ILE E 159 -3.90 -46.99 -25.14
CA ILE E 159 -2.73 -47.85 -25.18
C ILE E 159 -2.98 -49.23 -24.58
N PHE E 160 -3.85 -49.33 -23.57
CA PHE E 160 -4.15 -50.61 -22.92
C PHE E 160 -5.57 -51.08 -23.23
N LEU E 161 -6.57 -50.29 -22.86
CA LEU E 161 -7.95 -50.76 -22.85
C LEU E 161 -8.52 -50.89 -24.25
N GLU E 162 -7.89 -50.26 -25.24
CA GLU E 162 -8.18 -50.51 -26.64
C GLU E 162 -6.85 -50.49 -27.38
N LEU E 163 -6.89 -50.37 -28.70
CA LEU E 163 -5.67 -50.41 -29.50
C LEU E 163 -5.56 -49.14 -30.33
N ASN E 164 -4.42 -48.46 -30.23
CA ASN E 164 -4.15 -47.31 -31.08
C ASN E 164 -3.98 -47.73 -32.54
N PHE E 165 -3.78 -49.01 -32.81
CA PHE E 165 -3.59 -49.50 -34.16
C PHE E 165 -4.81 -50.24 -34.70
N LYS E 166 -5.94 -50.23 -33.98
CA LYS E 166 -7.16 -50.83 -34.50
C LYS E 166 -7.56 -50.17 -35.81
N GLY E 167 -7.90 -50.98 -36.80
CA GLY E 167 -8.19 -50.50 -38.13
C GLY E 167 -7.01 -50.55 -39.07
N ALA E 168 -5.79 -50.76 -38.54
CA ALA E 168 -4.61 -50.90 -39.39
C ALA E 168 -3.72 -52.06 -38.92
N GLU E 169 -4.31 -53.21 -38.56
CA GLU E 169 -3.55 -54.25 -37.89
C GLU E 169 -2.45 -54.83 -38.78
N GLU E 170 -2.75 -55.07 -40.06
CA GLU E 170 -1.75 -55.68 -40.93
C GLU E 170 -0.55 -54.77 -41.12
N ILE E 171 -0.79 -53.51 -41.51
CA ILE E 171 0.32 -52.57 -41.65
C ILE E 171 0.91 -52.22 -40.30
N TYR E 172 0.13 -52.31 -39.22
CA TYR E 172 0.71 -52.12 -37.88
C TYR E 172 1.76 -53.19 -37.60
N TYR E 173 1.44 -54.45 -37.89
CA TYR E 173 2.41 -55.52 -37.68
C TYR E 173 3.54 -55.47 -38.67
N LYS E 174 3.32 -54.89 -39.86
CA LYS E 174 4.44 -54.57 -40.73
C LYS E 174 5.39 -53.59 -40.06
N HIS E 175 4.83 -52.47 -39.59
CA HIS E 175 5.65 -51.45 -38.92
C HIS E 175 6.34 -52.03 -37.70
N VAL E 176 5.71 -53.02 -37.06
CA VAL E 176 6.29 -53.62 -35.86
C VAL E 176 7.72 -54.06 -36.11
N HIS E 177 7.98 -54.70 -37.26
CA HIS E 177 9.31 -55.15 -37.60
C HIS E 177 10.06 -54.21 -38.53
N CYS E 178 9.38 -53.32 -39.23
CA CYS E 178 10.08 -52.35 -40.07
C CYS E 178 10.96 -51.44 -39.22
N ARG E 179 10.45 -50.97 -38.09
CA ARG E 179 11.21 -50.17 -37.14
C ARG E 179 11.41 -50.98 -35.87
N GLY E 180 12.67 -51.14 -35.47
CA GLY E 180 12.98 -51.95 -34.30
C GLY E 180 12.69 -51.22 -33.00
N GLY E 181 12.58 -52.01 -31.93
CA GLY E 181 12.38 -51.46 -30.61
C GLY E 181 11.00 -50.85 -30.44
N CYS E 182 10.92 -49.92 -29.51
CA CYS E 182 9.64 -49.27 -29.19
C CYS E 182 9.37 -48.15 -30.20
N SER E 183 8.12 -48.10 -30.68
CA SER E 183 7.71 -47.06 -31.61
C SER E 183 6.23 -46.83 -31.44
N VAL E 184 5.83 -45.56 -31.39
CA VAL E 184 4.43 -45.20 -31.15
C VAL E 184 3.72 -45.22 -32.50
N PHE E 185 2.99 -46.30 -32.75
CA PHE E 185 2.24 -46.43 -33.99
C PHE E 185 0.85 -45.81 -33.82
N PHE E 186 0.41 -45.10 -34.86
CA PHE E 186 -0.93 -44.52 -34.89
C PHE E 186 -1.61 -44.92 -36.19
N SER E 187 -2.84 -45.38 -36.09
CA SER E 187 -3.66 -45.54 -37.28
C SER E 187 -4.17 -44.18 -37.74
N LYS E 188 -4.73 -44.16 -38.96
CA LYS E 188 -5.22 -42.90 -39.52
C LYS E 188 -6.26 -42.27 -38.58
N ILE E 189 -7.25 -43.06 -38.17
CA ILE E 189 -8.29 -42.55 -37.29
C ILE E 189 -7.70 -42.19 -35.93
N SER E 190 -6.88 -43.09 -35.38
CA SER E 190 -6.25 -42.81 -34.09
C SER E 190 -5.33 -41.61 -34.17
N GLY E 191 -4.56 -41.49 -35.25
CA GLY E 191 -3.70 -40.34 -35.40
C GLY E 191 -4.49 -39.03 -35.44
N VAL E 192 -5.58 -39.01 -36.20
CA VAL E 192 -6.38 -37.80 -36.32
C VAL E 192 -7.00 -37.45 -34.97
N LEU E 193 -7.56 -38.44 -34.28
CA LEU E 193 -8.19 -38.17 -32.98
C LEU E 193 -7.17 -37.67 -31.97
N THR E 194 -6.00 -38.30 -31.92
CA THR E 194 -4.96 -37.84 -31.01
C THR E 194 -4.51 -36.43 -31.35
N PHE E 195 -4.32 -36.13 -32.64
CA PHE E 195 -3.94 -34.79 -33.04
C PHE E 195 -4.97 -33.78 -32.54
N MET E 196 -6.24 -34.02 -32.84
CA MET E 196 -7.28 -33.06 -32.46
C MET E 196 -7.35 -32.90 -30.95
N THR E 197 -7.27 -34.01 -30.21
CA THR E 197 -7.44 -33.95 -28.76
C THR E 197 -6.27 -33.25 -28.09
N SER E 198 -5.04 -33.52 -28.56
CA SER E 198 -3.86 -33.10 -27.82
C SER E 198 -3.34 -31.75 -28.26
N PHE E 199 -3.45 -31.42 -29.55
CA PHE E 199 -2.80 -30.24 -30.09
C PHE E 199 -3.78 -29.21 -30.63
N TYR E 200 -4.65 -29.60 -31.55
CA TYR E 200 -5.43 -28.61 -32.29
C TYR E 200 -6.40 -27.86 -31.39
N ILE E 201 -7.16 -28.58 -30.56
CA ILE E 201 -8.23 -27.95 -29.78
C ILE E 201 -7.61 -26.99 -28.77
N PRO E 202 -6.82 -27.46 -27.80
CA PRO E 202 -6.20 -26.51 -26.87
C PRO E 202 -5.29 -25.51 -27.56
N GLY E 203 -4.58 -25.94 -28.59
CA GLY E 203 -3.70 -25.02 -29.30
C GLY E 203 -4.46 -23.89 -29.98
N SER E 204 -5.56 -24.24 -30.65
CA SER E 204 -6.37 -23.22 -31.30
C SER E 204 -7.04 -22.32 -30.27
N ILE E 205 -7.47 -22.88 -29.14
CA ILE E 205 -8.05 -22.07 -28.07
C ILE E 205 -7.06 -21.00 -27.64
N MET E 206 -5.83 -21.41 -27.32
CA MET E 206 -4.86 -20.44 -26.82
C MET E 206 -4.42 -19.49 -27.91
N LEU E 207 -4.38 -19.93 -29.17
CA LEU E 207 -4.07 -19.02 -30.27
C LEU E 207 -5.11 -17.90 -30.38
N CYS E 208 -6.39 -18.27 -30.37
CA CYS E 208 -7.44 -17.27 -30.48
C CYS E 208 -7.42 -16.32 -29.28
N VAL E 209 -7.27 -16.89 -28.08
CA VAL E 209 -7.22 -16.07 -26.87
C VAL E 209 -6.10 -15.06 -26.97
N TYR E 210 -4.90 -15.50 -27.34
CA TYR E 210 -3.77 -14.57 -27.37
C TYR E 210 -3.85 -13.59 -28.52
N TYR E 211 -4.50 -13.94 -29.62
CA TYR E 211 -4.72 -12.94 -30.65
C TYR E 211 -5.62 -11.82 -30.15
N ARG E 212 -6.72 -12.18 -29.47
CA ARG E 212 -7.58 -11.12 -28.95
C ARG E 212 -6.87 -10.29 -27.88
N ILE E 213 -6.08 -10.94 -27.03
CA ILE E 213 -5.34 -10.21 -26.02
C ILE E 213 -4.34 -9.26 -26.68
N TYR E 214 -3.71 -9.71 -27.77
CA TYR E 214 -2.79 -8.84 -28.51
C TYR E 214 -3.52 -7.62 -29.04
N LEU E 215 -4.69 -7.82 -29.63
CA LEU E 215 -5.44 -6.68 -30.15
C LEU E 215 -5.78 -5.69 -29.05
N ILE E 216 -6.25 -6.19 -27.91
CA ILE E 216 -6.63 -5.31 -26.81
C ILE E 216 -5.41 -4.53 -26.30
N ALA E 217 -4.29 -5.23 -26.12
CA ALA E 217 -3.10 -4.57 -25.60
C ALA E 217 -2.59 -3.52 -26.59
N LYS E 218 -2.65 -3.82 -27.89
CA LYS E 218 -2.22 -2.86 -28.89
C LYS E 218 -3.10 -1.61 -28.84
N GLU E 219 -4.41 -1.79 -28.76
CA GLU E 219 -5.31 -0.63 -28.69
C GLU E 219 -5.06 0.19 -27.44
N GLN E 220 -4.83 -0.47 -26.30
CA GLN E 220 -4.58 0.26 -25.07
C GLN E 220 -3.27 1.05 -25.15
N ALA E 221 -2.24 0.43 -25.71
CA ALA E 221 -0.96 1.13 -25.83
C ALA E 221 -1.11 2.32 -26.76
N ARG E 222 -1.86 2.17 -27.85
CA ARG E 222 -2.05 3.28 -28.77
C ARG E 222 -2.78 4.43 -28.10
N LEU E 223 -3.84 4.13 -27.33
CA LEU E 223 -4.54 5.16 -26.59
C LEU E 223 -3.62 5.87 -25.61
N ILE E 224 -2.85 5.10 -24.84
CA ILE E 224 -1.98 5.71 -23.82
C ILE E 224 -0.95 6.60 -24.48
N SER E 225 -0.34 6.13 -25.57
CA SER E 225 0.68 6.93 -26.26
C SER E 225 0.07 8.20 -26.85
N ASP E 226 -1.11 8.08 -27.46
CA ASP E 226 -1.76 9.27 -28.01
C ASP E 226 -2.04 10.29 -26.92
N ALA E 227 -2.59 9.85 -25.79
CA ALA E 227 -2.90 10.80 -24.72
C ALA E 227 -1.63 11.42 -24.15
N ASN E 228 -0.61 10.62 -23.90
CA ASN E 228 0.58 11.12 -23.21
C ASN E 228 1.27 12.21 -24.01
N GLN E 229 1.40 12.02 -25.32
CA GLN E 229 2.09 12.98 -26.17
C GLN E 229 1.30 14.28 -26.28
N ARG E 247 6.62 -1.95 -27.84
CA ARG E 247 5.58 -2.97 -28.00
C ARG E 247 5.93 -4.17 -27.12
N LYS E 248 5.49 -4.12 -25.86
CA LYS E 248 5.71 -5.25 -24.97
C LYS E 248 4.80 -6.42 -25.31
N ALA E 249 3.59 -6.14 -25.80
CA ALA E 249 2.69 -7.22 -26.17
C ALA E 249 3.30 -8.09 -27.26
N VAL E 250 3.91 -7.46 -28.27
CA VAL E 250 4.51 -8.22 -29.36
C VAL E 250 5.56 -9.18 -28.83
N LYS E 251 6.49 -8.67 -28.03
CA LYS E 251 7.53 -9.53 -27.47
C LYS E 251 6.93 -10.66 -26.63
N THR E 252 6.06 -10.32 -25.69
CA THR E 252 5.56 -11.31 -24.75
C THR E 252 4.76 -12.39 -25.46
N LEU E 253 3.78 -12.00 -26.26
CA LEU E 253 2.94 -12.99 -26.92
C LEU E 253 3.67 -13.70 -28.04
N GLY E 254 4.62 -13.04 -28.71
CA GLY E 254 5.44 -13.74 -29.68
C GLY E 254 6.27 -14.83 -29.05
N ILE E 255 6.89 -14.56 -27.91
CA ILE E 255 7.59 -15.63 -27.20
C ILE E 255 6.62 -16.74 -26.82
N VAL E 256 5.50 -16.36 -26.18
CA VAL E 256 4.56 -17.36 -25.67
C VAL E 256 4.12 -18.30 -26.77
N MET E 257 3.77 -17.75 -27.93
CA MET E 257 3.19 -18.58 -28.98
C MET E 257 4.27 -19.20 -29.86
N GLY E 258 5.40 -18.52 -30.05
CA GLY E 258 6.45 -19.08 -30.87
C GLY E 258 7.09 -20.29 -30.24
N VAL E 259 7.34 -20.26 -28.93
CA VAL E 259 7.89 -21.43 -28.27
C VAL E 259 6.96 -22.63 -28.48
N PHE E 260 5.68 -22.43 -28.18
CA PHE E 260 4.72 -23.52 -28.30
C PHE E 260 4.64 -24.04 -29.72
N LEU E 261 4.50 -23.13 -30.70
CA LEU E 261 4.35 -23.56 -32.08
C LEU E 261 5.60 -24.29 -32.57
N ILE E 262 6.77 -23.68 -32.41
CA ILE E 262 7.98 -24.30 -32.93
C ILE E 262 8.23 -25.65 -32.27
N CYS E 263 7.91 -25.78 -30.98
CA CYS E 263 8.19 -27.04 -30.29
C CYS E 263 7.18 -28.14 -30.64
N TRP E 264 5.90 -27.77 -30.85
CA TRP E 264 4.88 -28.79 -30.96
C TRP E 264 4.32 -28.97 -32.38
N CYS E 265 4.13 -27.89 -33.12
CA CYS E 265 3.45 -27.98 -34.42
C CYS E 265 4.12 -28.96 -35.38
N PRO E 266 5.45 -28.98 -35.54
CA PRO E 266 6.05 -29.95 -36.47
C PRO E 266 5.80 -31.39 -36.07
N PHE E 267 5.96 -31.71 -34.78
CA PHE E 267 5.78 -33.08 -34.33
C PHE E 267 4.37 -33.56 -34.59
N PHE E 268 3.38 -32.77 -34.21
CA PHE E 268 1.99 -33.19 -34.38
C PHE E 268 1.60 -33.23 -35.84
N ILE E 269 2.12 -32.29 -36.64
CA ILE E 269 1.84 -32.31 -38.07
C ILE E 269 2.36 -33.60 -38.70
N CYS E 270 3.62 -33.94 -38.40
CA CYS E 270 4.19 -35.16 -38.96
C CYS E 270 3.45 -36.39 -38.45
N THR E 271 3.10 -36.40 -37.16
CA THR E 271 2.39 -37.53 -36.59
C THR E 271 1.05 -37.76 -37.27
N VAL E 272 0.29 -36.69 -37.48
CA VAL E 272 -1.03 -36.84 -38.08
C VAL E 272 -0.91 -37.22 -39.55
N MET E 273 0.07 -36.65 -40.25
CA MET E 273 0.22 -36.94 -41.68
C MET E 273 0.84 -38.30 -41.96
N ASP E 274 1.58 -38.87 -41.02
CA ASP E 274 2.32 -40.09 -41.30
C ASP E 274 1.43 -41.25 -41.71
N PRO E 275 0.34 -41.56 -41.01
CA PRO E 275 -0.53 -42.64 -41.50
C PRO E 275 -1.05 -42.38 -42.91
N PHE E 276 -1.39 -41.13 -43.22
CA PHE E 276 -1.90 -40.81 -44.54
C PHE E 276 -0.84 -41.03 -45.60
N LEU E 277 0.40 -40.65 -45.32
CA LEU E 277 1.50 -40.86 -46.25
C LEU E 277 2.07 -42.27 -46.20
N HIS E 278 1.33 -43.21 -45.61
CA HIS E 278 1.75 -44.61 -45.53
C HIS E 278 3.13 -44.72 -44.89
N TYR E 279 3.32 -43.97 -43.81
CA TYR E 279 4.49 -44.10 -42.96
C TYR E 279 5.80 -43.87 -43.72
N ILE E 280 5.80 -42.88 -44.61
CA ILE E 280 6.99 -42.57 -45.40
C ILE E 280 8.02 -41.83 -44.56
N ILE E 281 7.58 -41.15 -43.51
CA ILE E 281 8.50 -40.29 -42.74
C ILE E 281 9.62 -41.13 -42.16
N PRO E 282 10.88 -40.69 -42.23
CA PRO E 282 11.96 -41.49 -41.64
C PRO E 282 11.93 -41.42 -40.13
N PRO E 283 12.48 -42.43 -39.44
CA PRO E 283 12.48 -42.42 -37.97
C PRO E 283 13.27 -41.27 -37.36
N THR E 284 14.36 -40.86 -37.99
CA THR E 284 15.21 -39.84 -37.39
C THR E 284 14.47 -38.52 -37.26
N LEU E 285 13.65 -38.17 -38.25
CA LEU E 285 12.84 -36.98 -38.15
C LEU E 285 11.90 -37.07 -36.94
N ASN E 286 11.27 -38.23 -36.75
CA ASN E 286 10.40 -38.40 -35.60
C ASN E 286 11.15 -38.22 -34.29
N ASP E 287 12.40 -38.72 -34.24
CA ASP E 287 13.18 -38.57 -33.02
C ASP E 287 13.50 -37.10 -32.72
N VAL E 288 13.95 -36.37 -33.74
CA VAL E 288 14.24 -34.95 -33.51
C VAL E 288 12.97 -34.23 -33.10
N LEU E 289 11.83 -34.62 -33.67
CA LEU E 289 10.58 -33.92 -33.38
C LEU E 289 10.10 -34.18 -31.96
N ILE E 290 10.20 -35.43 -31.50
CA ILE E 290 9.79 -35.70 -30.11
C ILE E 290 10.72 -34.98 -29.16
N TRP E 291 11.98 -34.78 -29.55
CA TRP E 291 12.86 -34.04 -28.65
C TRP E 291 12.57 -32.54 -28.67
N PHE E 292 12.05 -32.01 -29.78
CA PHE E 292 11.52 -30.66 -29.76
C PHE E 292 10.32 -30.55 -28.82
N GLY E 293 9.44 -31.55 -28.87
CA GLY E 293 8.31 -31.57 -27.96
C GLY E 293 8.74 -31.57 -26.50
N TYR E 294 9.83 -32.30 -26.20
CA TYR E 294 10.39 -32.26 -24.86
C TYR E 294 10.99 -30.89 -24.54
N LEU E 295 11.61 -30.25 -25.53
CA LEU E 295 12.12 -28.90 -25.30
C LEU E 295 11.00 -27.95 -24.92
N ASN E 296 9.77 -28.23 -25.36
CA ASN E 296 8.64 -27.42 -24.92
C ASN E 296 8.53 -27.41 -23.41
N SER E 297 8.55 -28.60 -22.80
CA SER E 297 8.52 -28.72 -21.35
C SER E 297 9.76 -28.13 -20.72
N THR E 298 10.90 -28.18 -21.42
CA THR E 298 12.09 -27.52 -20.89
C THR E 298 11.89 -26.01 -20.78
N PHE E 299 11.26 -25.39 -21.77
CA PHE E 299 11.12 -23.94 -21.82
C PHE E 299 9.87 -23.41 -21.12
N ASN E 300 8.90 -24.26 -20.82
CA ASN E 300 7.65 -23.78 -20.23
C ASN E 300 7.87 -22.95 -18.96
N PRO E 301 8.66 -23.44 -18.00
CA PRO E 301 8.93 -22.61 -16.81
C PRO E 301 9.61 -21.30 -17.12
N MET E 302 10.46 -21.26 -18.15
CA MET E 302 11.12 -20.02 -18.53
C MET E 302 10.15 -19.04 -19.16
N VAL E 303 9.09 -19.54 -19.79
CA VAL E 303 8.14 -18.67 -20.48
C VAL E 303 7.07 -18.18 -19.53
N TYR E 304 6.69 -19.00 -18.54
CA TYR E 304 5.52 -18.68 -17.73
C TYR E 304 5.86 -18.24 -16.31
N ALA E 305 7.05 -18.54 -15.80
CA ALA E 305 7.43 -18.16 -14.45
C ALA E 305 8.60 -17.18 -14.43
N PHE E 306 9.74 -17.54 -15.03
CA PHE E 306 10.92 -16.70 -14.94
C PHE E 306 10.81 -15.43 -15.79
N PHE E 307 9.79 -15.34 -16.64
CA PHE E 307 9.67 -14.19 -17.52
C PHE E 307 9.13 -12.95 -16.79
N TYR E 308 8.55 -13.13 -15.60
CA TYR E 308 7.76 -12.08 -14.98
C TYR E 308 8.45 -11.55 -13.73
N PRO E 309 8.49 -10.23 -13.52
CA PRO E 309 9.19 -9.70 -12.35
C PRO E 309 8.67 -10.22 -11.02
N TRP E 310 7.36 -10.41 -10.89
CA TRP E 310 6.82 -10.83 -9.59
C TRP E 310 7.38 -12.18 -9.17
N PHE E 311 7.70 -13.05 -10.13
CA PHE E 311 8.31 -14.33 -9.79
C PHE E 311 9.77 -14.15 -9.40
N ARG E 312 10.50 -13.31 -10.14
CA ARG E 312 11.92 -13.11 -9.85
C ARG E 312 12.10 -12.51 -8.46
N LYS E 313 11.28 -11.54 -8.12
CA LYS E 313 11.45 -10.89 -6.85
C LYS E 313 11.33 -11.90 -5.74
N ALA E 314 10.24 -12.65 -5.76
CA ALA E 314 10.04 -13.66 -4.73
C ALA E 314 11.18 -14.68 -4.74
N LEU E 315 11.64 -15.05 -5.93
CA LEU E 315 12.71 -16.04 -6.03
C LEU E 315 13.98 -15.55 -5.35
N LYS E 316 14.30 -14.27 -5.52
CA LYS E 316 15.47 -13.68 -4.87
C LYS E 316 15.16 -13.31 -3.42
C1 CLR F . 5.21 -30.74 -1.89
C2 CLR F . 5.35 -29.44 -1.09
C3 CLR F . 6.79 -28.98 -1.07
C4 CLR F . 7.28 -28.78 -2.50
C5 CLR F . 7.10 -30.02 -3.34
C6 CLR F . 8.11 -30.49 -4.07
C7 CLR F . 8.03 -31.64 -5.01
C8 CLR F . 6.60 -32.14 -5.24
C9 CLR F . 5.82 -32.10 -3.92
C10 CLR F . 5.72 -30.66 -3.34
C11 CLR F . 4.48 -32.82 -4.08
C12 CLR F . 4.58 -34.22 -4.65
C13 CLR F . 5.29 -34.23 -6.01
C14 CLR F . 6.64 -33.56 -5.78
C15 CLR F . 7.41 -33.80 -7.07
C16 CLR F . 6.96 -35.22 -7.47
C17 CLR F . 5.78 -35.60 -6.55
C18 CLR F . 4.43 -33.53 -7.06
C19 CLR F . 4.76 -29.77 -4.14
C20 CLR F . 4.80 -36.56 -7.26
C21 CLR F . 3.51 -36.77 -6.49
C22 CLR F . 5.50 -37.90 -7.54
C23 CLR F . 4.67 -38.94 -8.30
C24 CLR F . 5.51 -40.14 -8.71
C25 CLR F . 4.80 -41.13 -9.64
C26 CLR F . 5.76 -42.22 -10.09
C27 CLR F . 3.56 -41.74 -8.99
O1 CLR F . 6.88 -27.79 -0.32
C1 CLR G . -2.39 -25.80 -3.12
C2 CLR G . -3.06 -24.97 -2.03
C3 CLR G . -4.35 -24.35 -2.53
C4 CLR G . -5.27 -25.40 -3.11
C5 CLR G . -4.57 -26.27 -4.13
C6 CLR G . -5.09 -26.45 -5.34
C7 CLR G . -4.64 -27.51 -6.30
C8 CLR G . -3.61 -28.44 -5.68
C9 CLR G . -2.59 -27.58 -4.90
C10 CLR G . -3.28 -26.92 -3.68
C11 CLR G . -1.30 -28.34 -4.57
C12 CLR G . -0.73 -29.20 -5.71
C13 CLR G . -1.79 -30.17 -6.25
C14 CLR G . -2.93 -29.29 -6.74
C15 CLR G . -3.83 -30.22 -7.56
C16 CLR G . -2.84 -31.22 -8.17
C17 CLR G . -1.44 -30.95 -7.54
C18 CLR G . -2.24 -31.14 -5.16
C19 CLR G . -3.60 -27.94 -2.57
C20 CLR G . -0.59 -32.22 -7.43
C21 CLR G . 0.81 -31.93 -6.91
C22 CLR G . -0.51 -32.99 -8.76
C23 CLR G . 0.08 -34.39 -8.66
C24 CLR G . -0.57 -35.36 -9.64
C25 CLR G . -0.13 -36.82 -9.52
C26 CLR G . -0.81 -37.67 -10.59
C27 CLR G . 1.38 -36.99 -9.61
O1 CLR G . -4.97 -23.66 -1.46
C1 CLR H . 13.20 -50.15 -14.73
C2 CLR H . 13.53 -51.21 -15.77
C3 CLR H . 12.43 -52.25 -15.82
C4 CLR H . 11.09 -51.57 -16.14
C5 CLR H . 10.78 -50.44 -15.19
C6 CLR H . 9.58 -50.37 -14.62
C7 CLR H . 9.13 -49.26 -13.72
C8 CLR H . 10.08 -48.06 -13.72
C9 CLR H . 11.54 -48.53 -13.73
C10 CLR H . 11.87 -49.41 -14.98
C11 CLR H . 12.50 -47.35 -13.53
C12 CLR H . 12.16 -46.45 -12.34
C13 CLR H . 10.71 -45.95 -12.37
C14 CLR H . 9.85 -47.21 -12.48
C15 CLR H . 8.42 -46.72 -12.20
C16 CLR H . 8.64 -45.63 -11.13
C17 CLR H . 10.16 -45.32 -11.06
C18 CLR H . 10.47 -44.99 -13.54
C19 CLR H . 12.00 -48.57 -16.26
C20 CLR H . 10.43 -43.85 -10.75
C21 CLR H . 11.91 -43.46 -10.84
C22 CLR H . 9.87 -43.48 -9.37
C23 CLR H . 10.19 -42.09 -8.83
C24 CLR H . 9.64 -40.98 -9.74
C25 CLR H . 10.02 -39.55 -9.34
C26 CLR H . 9.46 -39.19 -7.97
C27 CLR H . 11.53 -39.33 -9.37
O1 CLR H . 12.78 -53.22 -16.79
C1 UJL I . 7.09 -35.63 -27.13
C2 UJL I . 4.98 -36.63 -27.26
C3 UJL I . 4.18 -37.96 -27.30
C4 UJL I . 4.12 -40.09 -28.37
C5 UJL I . 2.83 -39.75 -29.08
C6 UJL I . 2.11 -38.51 -28.65
C7 UJL I . 0.64 -37.93 -28.99
C8 UJL I . 0.48 -36.69 -28.28
C9 UJL I . 2.74 -37.62 -27.78
N1 UJL I . 6.39 -36.91 -27.16
O1 UJL I . 4.92 -38.91 -28.05
S1 UJL I . 1.76 -36.43 -27.50
#